data_1MW0
#
_entry.id   1MW0
#
_cell.length_a   96.067
_cell.length_b   116.097
_cell.length_c   60.745
_cell.angle_alpha   90.00
_cell.angle_beta   90.00
_cell.angle_gamma   90.00
#
_symmetry.space_group_name_H-M   'P 21 21 2'
#
loop_
_entity.id
_entity.type
_entity.pdbx_description
1 polymer amylosucrase
2 branched alpha-D-glucopyranose-(1-4)-alpha-D-glucopyranose-(1-4)-alpha-D-glucopyranose-(1-4)-alpha-D-glucopyranose-(1-4)-alpha-D-glucopyranose-(1-4)-alpha-D-glucopyranose-(1-4)-alpha-D-glucopyranose
3 branched beta-D-glucopyranose-(1-4)-alpha-D-glucopyranose-(1-4)-alpha-D-glucopyranose-(1-4)-alpha-D-glucopyranose
4 non-polymer 2,3-DIHYDROXY-1,4-DITHIOBUTANE
5 water water
#
_entity_poly.entity_id   1
_entity_poly.type   'polypeptide(L)'
_entity_poly.pdbx_seq_one_letter_code
;SPNSQYLKTRILDIYTPEQRAGIEKSEDWRQFSRRMDTHFPKLMNELDSVYGNNEALLPMLEMLLAQAWQSYSQRNSSLK
DIDIARENNPDWILSNKQVGGVCYVDLFAGDLKGLKDKIPYFQELGLTYLYLMPLFKCPEGKSDGGYAVSSYRDVNPALG
TIGDLREVIAALHEAGISAVVDFIFNHTSNEHEWAQRCAAGDPLFDNFYYIFPDRRMPDQYDRTLREIFPDQHPGGFSQL
EDGRWVWTTFNSFQWDLNYSNPWVFRAMAGEMLFLANLGVDILRMDAVAFIWKQMGTSCENLPQAHALIRAFNAVMRIAA
PAVFFKSQAIVHPDQVVQYIGQDECQIGYNPLQMALLWNTLATREVNLLHQALTYRHNLPEHTAWVNYVRSHDDIGWTFA
DEDAAYLGISGYDHRQFLNRFFVNRFDGSFARGVPFQYNPSTGDCRVSGTAAALVGLAQDDPHAVDRIKLLYSIALSTGG
LPLIYLGDEVGTLNDDDWSQDSNKSDDSRWAHRPRYNEALYAQRNDPSTAAGQIYQGLRHMIAVRQSNPRFDGGRLVTFN
TNNKHIIGYIRNNALLAFGNFSEYPQTVTAHTLQAMPFKAHDLIGGKTVSLNQDLTLQPYQVMWLEIA
;
_entity_poly.pdbx_strand_id   A
#
loop_
_chem_comp.id
_chem_comp.type
_chem_comp.name
_chem_comp.formula
BGC D-saccharide, beta linking beta-D-glucopyranose 'C6 H12 O6'
DTT non-polymer 2,3-DIHYDROXY-1,4-DITHIOBUTANE 'C4 H10 O2 S2'
GLC D-saccharide, alpha linking alpha-D-glucopyranose 'C6 H12 O6'
#
# COMPACT_ATOMS: atom_id res chain seq x y z
N SER A 1 -26.37 -9.39 -22.60
CA SER A 1 -26.16 -9.07 -21.15
C SER A 1 -27.41 -8.50 -20.52
N PRO A 2 -27.72 -8.94 -19.28
CA PRO A 2 -28.91 -8.46 -18.56
C PRO A 2 -28.70 -7.03 -18.08
N ASN A 3 -29.79 -6.32 -17.80
CA ASN A 3 -29.69 -4.95 -17.33
C ASN A 3 -30.07 -4.86 -15.85
N SER A 4 -29.80 -3.71 -15.26
CA SER A 4 -30.08 -3.44 -13.86
C SER A 4 -31.54 -3.67 -13.45
N GLN A 5 -32.48 -3.17 -14.22
CA GLN A 5 -33.90 -3.34 -13.90
C GLN A 5 -34.28 -4.80 -13.81
N TYR A 6 -33.93 -5.54 -14.86
CA TYR A 6 -34.23 -6.96 -14.93
C TYR A 6 -33.65 -7.71 -13.71
N LEU A 7 -32.36 -7.51 -13.46
CA LEU A 7 -31.71 -8.18 -12.34
C LEU A 7 -32.31 -7.82 -10.98
N LYS A 8 -32.70 -6.55 -10.80
CA LYS A 8 -33.28 -6.13 -9.53
C LYS A 8 -34.62 -6.80 -9.25
N THR A 9 -35.41 -7.07 -10.27
CA THR A 9 -36.70 -7.71 -10.06
C THR A 9 -36.48 -9.15 -9.60
N ARG A 10 -35.43 -9.78 -10.10
CA ARG A 10 -35.13 -11.15 -9.73
C ARG A 10 -34.52 -11.25 -8.34
N ILE A 11 -33.90 -10.17 -7.87
CA ILE A 11 -33.32 -10.16 -6.53
C ILE A 11 -34.47 -10.20 -5.53
N LEU A 12 -35.57 -9.53 -5.89
CA LEU A 12 -36.75 -9.46 -5.04
C LEU A 12 -37.62 -10.71 -5.08
N ASP A 13 -37.35 -11.62 -6.01
CA ASP A 13 -38.15 -12.85 -6.12
C ASP A 13 -38.00 -13.77 -4.91
N ILE A 14 -37.04 -13.50 -4.04
CA ILE A 14 -36.83 -14.33 -2.87
C ILE A 14 -37.93 -14.05 -1.84
N TYR A 15 -38.56 -12.89 -1.96
CA TYR A 15 -39.60 -12.50 -1.02
C TYR A 15 -41.00 -12.86 -1.53
N THR A 16 -41.90 -13.14 -0.60
CA THR A 16 -43.27 -13.47 -0.96
C THR A 16 -43.89 -12.15 -1.43
N PRO A 17 -45.03 -12.21 -2.13
CA PRO A 17 -45.68 -11.00 -2.62
C PRO A 17 -45.84 -9.94 -1.53
N GLU A 18 -46.21 -10.39 -0.34
CA GLU A 18 -46.41 -9.49 0.79
C GLU A 18 -45.10 -8.89 1.29
N GLN A 19 -44.08 -9.74 1.45
CA GLN A 19 -42.79 -9.27 1.93
C GLN A 19 -42.20 -8.32 0.90
N ARG A 20 -42.25 -8.73 -0.36
CA ARG A 20 -41.71 -7.94 -1.47
C ARG A 20 -42.19 -6.51 -1.45
N ALA A 21 -43.48 -6.31 -1.25
CA ALA A 21 -44.06 -4.98 -1.21
C ALA A 21 -43.41 -4.12 -0.13
N GLY A 22 -43.03 -4.76 0.97
CA GLY A 22 -42.41 -4.01 2.06
C GLY A 22 -40.99 -3.60 1.71
N ILE A 23 -40.26 -4.49 1.08
CA ILE A 23 -38.88 -4.23 0.69
C ILE A 23 -38.80 -3.09 -0.32
N GLU A 24 -39.59 -3.19 -1.38
CA GLU A 24 -39.59 -2.17 -2.43
C GLU A 24 -39.86 -0.75 -1.96
N LYS A 25 -40.38 -0.60 -0.75
CA LYS A 25 -40.67 0.72 -0.21
C LYS A 25 -39.71 1.11 0.90
N SER A 26 -38.74 0.24 1.19
CA SER A 26 -37.77 0.51 2.24
C SER A 26 -36.65 1.45 1.76
N GLU A 27 -36.09 2.22 2.68
CA GLU A 27 -35.03 3.16 2.35
C GLU A 27 -33.77 2.44 1.89
N ASP A 28 -33.48 1.29 2.47
CA ASP A 28 -32.30 0.53 2.08
C ASP A 28 -32.40 0.07 0.64
N TRP A 29 -33.58 -0.38 0.23
CA TRP A 29 -33.76 -0.81 -1.15
C TRP A 29 -33.66 0.36 -2.10
N ARG A 30 -34.15 1.51 -1.65
CA ARG A 30 -34.11 2.74 -2.45
C ARG A 30 -32.66 3.10 -2.79
N GLN A 31 -31.77 3.01 -1.80
CA GLN A 31 -30.37 3.32 -1.99
C GLN A 31 -29.72 2.28 -2.91
N PHE A 32 -29.91 1.01 -2.56
CA PHE A 32 -29.35 -0.09 -3.33
C PHE A 32 -29.81 -0.03 -4.79
N SER A 33 -31.10 0.21 -4.99
CA SER A 33 -31.67 0.29 -6.32
C SER A 33 -31.07 1.45 -7.12
N ARG A 34 -30.86 2.59 -6.45
CA ARG A 34 -30.27 3.73 -7.13
C ARG A 34 -28.82 3.44 -7.53
N ARG A 35 -28.06 2.87 -6.60
CA ARG A 35 -26.66 2.55 -6.87
C ARG A 35 -26.52 1.49 -7.97
N MET A 36 -27.48 0.58 -8.03
CA MET A 36 -27.48 -0.45 -9.07
C MET A 36 -27.54 0.23 -10.43
N ASP A 37 -28.53 1.10 -10.59
CA ASP A 37 -28.70 1.81 -11.86
C ASP A 37 -27.46 2.59 -12.27
N THR A 38 -26.83 3.23 -11.30
CA THR A 38 -25.65 4.03 -11.57
C THR A 38 -24.39 3.20 -11.85
N HIS A 39 -24.15 2.17 -11.06
CA HIS A 39 -22.93 1.39 -11.19
C HIS A 39 -22.97 -0.01 -11.81
N PHE A 40 -24.13 -0.65 -11.89
CA PHE A 40 -24.16 -1.98 -12.47
C PHE A 40 -23.56 -2.04 -13.87
N PRO A 41 -23.86 -1.05 -14.73
CA PRO A 41 -23.32 -1.06 -16.09
C PRO A 41 -21.82 -1.32 -16.12
N LYS A 42 -21.07 -0.66 -15.24
CA LYS A 42 -19.62 -0.86 -15.19
C LYS A 42 -19.31 -2.29 -14.78
N LEU A 43 -19.97 -2.76 -13.73
CA LEU A 43 -19.75 -4.12 -13.24
C LEU A 43 -19.99 -5.14 -14.35
N MET A 44 -21.09 -4.99 -15.06
CA MET A 44 -21.42 -5.92 -16.14
C MET A 44 -20.34 -5.86 -17.22
N ASN A 45 -19.98 -4.65 -17.63
CA ASN A 45 -18.99 -4.45 -18.66
C ASN A 45 -17.61 -5.02 -18.29
N GLU A 46 -17.18 -4.81 -17.05
CA GLU A 46 -15.89 -5.33 -16.63
C GLU A 46 -15.88 -6.85 -16.65
N LEU A 47 -16.89 -7.47 -16.04
CA LEU A 47 -16.98 -8.93 -16.01
C LEU A 47 -17.09 -9.53 -17.40
N ASP A 48 -17.82 -8.85 -18.29
CA ASP A 48 -17.96 -9.34 -19.66
C ASP A 48 -16.62 -9.30 -20.39
N SER A 49 -15.81 -8.29 -20.11
CA SER A 49 -14.51 -8.20 -20.78
C SER A 49 -13.60 -9.33 -20.34
N VAL A 50 -13.80 -9.83 -19.13
CA VAL A 50 -12.96 -10.92 -18.65
C VAL A 50 -13.52 -12.31 -18.96
N TYR A 51 -14.80 -12.51 -18.69
CA TYR A 51 -15.41 -13.82 -18.89
C TYR A 51 -16.12 -14.07 -20.23
N GLY A 52 -16.42 -13.00 -20.95
CA GLY A 52 -17.08 -13.17 -22.24
C GLY A 52 -18.40 -13.91 -22.13
N ASN A 53 -18.60 -14.90 -23.01
CA ASN A 53 -19.84 -15.67 -23.03
C ASN A 53 -19.86 -16.90 -22.12
N ASN A 54 -19.03 -16.89 -21.08
CA ASN A 54 -18.97 -18.01 -20.15
C ASN A 54 -20.38 -18.29 -19.63
N GLU A 55 -20.81 -19.55 -19.68
CA GLU A 55 -22.16 -19.90 -19.22
C GLU A 55 -22.38 -19.61 -17.75
N ALA A 56 -21.32 -19.62 -16.96
CA ALA A 56 -21.45 -19.39 -15.52
C ALA A 56 -21.54 -17.91 -15.12
N LEU A 57 -21.22 -17.01 -16.05
CA LEU A 57 -21.25 -15.58 -15.76
C LEU A 57 -22.58 -15.09 -15.20
N LEU A 58 -23.67 -15.27 -15.95
CA LEU A 58 -24.98 -14.83 -15.50
C LEU A 58 -25.39 -15.44 -14.16
N PRO A 59 -25.28 -16.77 -14.01
CA PRO A 59 -25.65 -17.40 -12.74
C PRO A 59 -24.80 -16.85 -11.59
N MET A 60 -23.50 -16.67 -11.84
CA MET A 60 -22.61 -16.14 -10.82
C MET A 60 -23.00 -14.72 -10.47
N LEU A 61 -23.32 -13.93 -11.50
CA LEU A 61 -23.69 -12.54 -11.32
C LEU A 61 -24.95 -12.37 -10.48
N GLU A 62 -25.96 -13.21 -10.73
CA GLU A 62 -27.19 -13.09 -9.95
C GLU A 62 -26.97 -13.51 -8.51
N MET A 63 -26.10 -14.49 -8.31
CA MET A 63 -25.81 -14.95 -6.96
C MET A 63 -25.08 -13.84 -6.23
N LEU A 64 -24.13 -13.22 -6.92
CA LEU A 64 -23.35 -12.13 -6.33
C LEU A 64 -24.24 -10.95 -5.93
N LEU A 65 -25.14 -10.54 -6.82
CA LEU A 65 -26.03 -9.41 -6.56
C LEU A 65 -27.01 -9.70 -5.41
N ALA A 66 -27.47 -10.93 -5.32
CA ALA A 66 -28.38 -11.32 -4.25
C ALA A 66 -27.61 -11.14 -2.94
N GLN A 67 -26.35 -11.58 -2.93
CA GLN A 67 -25.49 -11.45 -1.75
C GLN A 67 -25.25 -9.98 -1.41
N ALA A 68 -24.99 -9.19 -2.46
CA ALA A 68 -24.73 -7.77 -2.29
C ALA A 68 -25.91 -7.11 -1.60
N TRP A 69 -27.13 -7.44 -2.03
CA TRP A 69 -28.32 -6.87 -1.42
C TRP A 69 -28.41 -7.23 0.07
N GLN A 70 -28.28 -8.52 0.38
CA GLN A 70 -28.36 -8.97 1.76
C GLN A 70 -27.28 -8.31 2.59
N SER A 71 -26.08 -8.21 2.01
CA SER A 71 -24.97 -7.59 2.72
C SER A 71 -25.30 -6.14 3.03
N TYR A 72 -25.81 -5.41 2.04
CA TYR A 72 -26.15 -4.01 2.25
C TYR A 72 -27.32 -3.84 3.21
N SER A 73 -28.23 -4.79 3.20
CA SER A 73 -29.39 -4.73 4.08
C SER A 73 -28.92 -4.86 5.53
N GLN A 74 -27.95 -5.75 5.76
CA GLN A 74 -27.41 -5.98 7.10
C GLN A 74 -26.42 -4.91 7.54
N ARG A 75 -25.86 -4.17 6.57
CA ARG A 75 -24.88 -3.13 6.88
C ARG A 75 -25.37 -2.15 7.95
N ASN A 76 -24.55 -1.93 8.97
CA ASN A 76 -24.90 -1.02 10.07
C ASN A 76 -25.19 0.40 9.59
N SER A 77 -26.17 1.05 10.23
CA SER A 77 -26.58 2.40 9.86
C SER A 77 -25.43 3.42 9.87
N SER A 78 -24.56 3.34 10.88
CA SER A 78 -23.44 4.28 10.96
C SER A 78 -22.56 4.19 9.72
N LEU A 79 -22.34 2.98 9.22
CA LEU A 79 -21.52 2.76 8.03
C LEU A 79 -22.24 3.31 6.79
N LYS A 80 -23.57 3.22 6.80
CA LYS A 80 -24.35 3.71 5.69
C LYS A 80 -24.26 5.24 5.60
N ASP A 81 -24.04 5.88 6.75
CA ASP A 81 -23.90 7.34 6.77
C ASP A 81 -22.55 7.69 6.14
N ILE A 82 -21.55 6.86 6.40
CA ILE A 82 -20.22 7.08 5.84
C ILE A 82 -20.34 6.85 4.34
N ASP A 83 -21.16 5.87 3.96
CA ASP A 83 -21.36 5.55 2.55
C ASP A 83 -21.80 6.79 1.79
N ILE A 84 -22.87 7.43 2.29
CA ILE A 84 -23.41 8.63 1.66
C ILE A 84 -22.42 9.78 1.69
N ALA A 85 -21.70 9.93 2.80
CA ALA A 85 -20.73 11.00 2.94
C ALA A 85 -19.59 10.93 1.91
N ARG A 86 -18.99 9.75 1.76
CA ARG A 86 -17.89 9.63 0.80
C ARG A 86 -18.39 9.62 -0.62
N GLU A 87 -19.63 9.19 -0.81
CA GLU A 87 -20.24 9.17 -2.12
C GLU A 87 -20.28 10.62 -2.60
N ASN A 88 -20.36 11.55 -1.65
CA ASN A 88 -20.40 12.98 -1.97
C ASN A 88 -19.13 13.70 -1.52
N ASN A 89 -18.05 12.94 -1.37
CA ASN A 89 -16.77 13.52 -0.98
C ASN A 89 -15.65 12.59 -1.45
N PRO A 90 -15.58 12.36 -2.77
CA PRO A 90 -14.56 11.49 -3.37
C PRO A 90 -13.11 11.86 -3.07
N ASP A 91 -12.85 13.14 -2.87
CA ASP A 91 -11.49 13.59 -2.61
C ASP A 91 -11.05 13.63 -1.15
N TRP A 92 -11.77 12.93 -0.27
CA TRP A 92 -11.39 12.94 1.14
C TRP A 92 -9.95 12.39 1.27
N ILE A 93 -9.58 11.52 0.34
CA ILE A 93 -8.25 10.90 0.33
C ILE A 93 -7.13 11.88 -0.06
N LEU A 94 -7.52 12.98 -0.71
CA LEU A 94 -6.57 13.98 -1.15
C LEU A 94 -6.33 15.12 -0.16
N SER A 95 -7.08 15.13 0.94
CA SER A 95 -6.95 16.18 1.95
C SER A 95 -5.64 16.18 2.72
N ASN A 96 -5.06 17.35 2.91
CA ASN A 96 -3.80 17.46 3.66
C ASN A 96 -4.01 17.05 5.11
N LYS A 97 -5.27 16.98 5.54
CA LYS A 97 -5.58 16.59 6.91
C LYS A 97 -5.24 15.12 7.17
N GLN A 98 -5.19 14.32 6.11
CA GLN A 98 -4.88 12.90 6.25
C GLN A 98 -3.40 12.57 6.47
N VAL A 99 -3.15 11.71 7.45
CA VAL A 99 -1.81 11.22 7.78
C VAL A 99 -2.02 9.81 8.32
N GLY A 100 -1.41 8.82 7.68
CA GLY A 100 -1.60 7.46 8.13
C GLY A 100 -0.40 6.78 8.77
N GLY A 101 -0.67 5.69 9.47
CA GLY A 101 0.37 4.92 10.11
C GLY A 101 0.03 3.45 9.92
N VAL A 102 1.03 2.59 9.99
CA VAL A 102 0.81 1.15 9.82
C VAL A 102 1.61 0.39 10.87
N CYS A 103 1.06 -0.72 11.36
CA CYS A 103 1.75 -1.54 12.34
C CYS A 103 1.16 -2.95 12.42
N TYR A 104 1.94 -3.85 13.01
CA TYR A 104 1.48 -5.22 13.22
C TYR A 104 0.86 -5.16 14.61
N VAL A 105 -0.33 -5.71 14.77
CA VAL A 105 -0.99 -5.70 16.07
C VAL A 105 -0.18 -6.40 17.17
N ASP A 106 0.34 -7.58 16.87
CA ASP A 106 1.12 -8.34 17.83
C ASP A 106 2.45 -7.70 18.19
N LEU A 107 3.17 -7.23 17.17
CA LEU A 107 4.48 -6.61 17.41
C LEU A 107 4.39 -5.25 18.08
N PHE A 108 3.41 -4.45 17.67
CA PHE A 108 3.27 -3.10 18.22
C PHE A 108 2.50 -3.01 19.53
N ALA A 109 1.52 -3.89 19.74
CA ALA A 109 0.72 -3.81 20.96
C ALA A 109 0.26 -5.14 21.56
N GLY A 110 0.85 -6.25 21.15
CA GLY A 110 0.46 -7.54 21.71
C GLY A 110 -0.77 -8.16 21.08
N ASP A 111 -1.93 -7.57 21.31
CA ASP A 111 -3.17 -8.09 20.73
C ASP A 111 -4.13 -6.96 20.42
N LEU A 112 -5.32 -7.31 19.93
CA LEU A 112 -6.32 -6.31 19.58
C LEU A 112 -6.76 -5.43 20.75
N LYS A 113 -6.86 -6.00 21.94
CA LYS A 113 -7.26 -5.21 23.10
C LYS A 113 -6.14 -4.23 23.41
N GLY A 114 -4.91 -4.71 23.31
CA GLY A 114 -3.76 -3.86 23.57
C GLY A 114 -3.67 -2.76 22.53
N LEU A 115 -4.04 -3.08 21.30
CA LEU A 115 -4.01 -2.10 20.21
C LEU A 115 -5.00 -0.98 20.51
N LYS A 116 -6.17 -1.36 21.00
CA LYS A 116 -7.20 -0.38 21.30
C LYS A 116 -6.70 0.64 22.34
N ASP A 117 -5.81 0.19 23.24
CA ASP A 117 -5.27 1.07 24.26
C ASP A 117 -4.19 2.00 23.70
N LYS A 118 -3.71 1.71 22.49
CA LYS A 118 -2.69 2.54 21.86
C LYS A 118 -3.33 3.70 21.09
N ILE A 119 -4.65 3.63 20.91
CA ILE A 119 -5.37 4.67 20.18
C ILE A 119 -5.03 6.08 20.67
N PRO A 120 -4.97 6.28 22.01
CA PRO A 120 -4.64 7.63 22.47
C PRO A 120 -3.31 8.10 21.89
N TYR A 121 -2.35 7.20 21.76
CA TYR A 121 -1.07 7.57 21.19
C TYR A 121 -1.25 7.95 19.73
N PHE A 122 -2.05 7.16 19.01
CA PHE A 122 -2.29 7.45 17.60
C PHE A 122 -2.87 8.84 17.43
N GLN A 123 -3.71 9.27 18.37
CA GLN A 123 -4.30 10.61 18.28
C GLN A 123 -3.23 11.63 18.63
N GLU A 124 -2.34 11.27 19.54
CA GLU A 124 -1.25 12.13 19.97
C GLU A 124 -0.33 12.43 18.78
N LEU A 125 -0.06 11.38 18.01
CA LEU A 125 0.79 11.49 16.83
C LEU A 125 0.07 12.27 15.73
N GLY A 126 -1.27 12.17 15.72
CA GLY A 126 -2.04 12.88 14.71
C GLY A 126 -2.60 12.04 13.58
N LEU A 127 -2.57 10.72 13.73
CA LEU A 127 -3.07 9.83 12.69
C LEU A 127 -4.57 9.96 12.47
N THR A 128 -4.98 9.79 11.21
CA THR A 128 -6.39 9.85 10.81
C THR A 128 -6.63 8.61 9.96
N TYR A 129 -5.62 7.77 9.90
CA TYR A 129 -5.65 6.56 9.07
C TYR A 129 -4.71 5.53 9.71
N LEU A 130 -5.24 4.36 10.04
CA LEU A 130 -4.43 3.30 10.64
C LEU A 130 -4.60 2.00 9.89
N TYR A 131 -3.49 1.51 9.34
CA TYR A 131 -3.48 0.26 8.61
C TYR A 131 -2.87 -0.83 9.51
N LEU A 132 -3.64 -1.89 9.73
CA LEU A 132 -3.20 -3.01 10.55
C LEU A 132 -2.81 -4.17 9.64
N MET A 133 -1.65 -4.77 9.91
CA MET A 133 -1.16 -5.90 9.12
C MET A 133 -2.06 -7.12 9.30
N PRO A 134 -1.98 -8.11 8.38
CA PRO A 134 -2.80 -9.34 8.43
C PRO A 134 -3.14 -9.88 9.82
N LEU A 135 -4.43 -9.94 10.10
CA LEU A 135 -4.89 -10.39 11.41
C LEU A 135 -5.76 -11.64 11.43
N PHE A 136 -6.01 -12.24 10.26
CA PHE A 136 -6.84 -13.44 10.22
C PHE A 136 -6.03 -14.73 10.24
N LYS A 137 -6.70 -15.83 10.57
CA LYS A 137 -6.05 -17.14 10.67
C LYS A 137 -5.08 -17.45 9.53
N CYS A 138 -3.96 -18.06 9.90
CA CYS A 138 -2.92 -18.43 8.95
C CYS A 138 -2.15 -19.61 9.53
N PRO A 139 -1.39 -20.34 8.70
CA PRO A 139 -0.63 -21.49 9.18
C PRO A 139 0.29 -21.15 10.35
N GLU A 140 0.41 -22.08 11.30
CA GLU A 140 1.27 -21.87 12.45
C GLU A 140 2.70 -22.05 11.99
N GLY A 141 3.61 -21.25 12.53
CA GLY A 141 5.00 -21.33 12.13
C GLY A 141 5.22 -20.35 11.00
N LYS A 142 5.39 -20.86 9.77
CA LYS A 142 5.62 -19.98 8.63
C LYS A 142 4.32 -19.65 7.90
N SER A 143 4.00 -18.36 7.83
CA SER A 143 2.78 -17.92 7.16
C SER A 143 3.04 -16.62 6.39
N ASP A 144 4.31 -16.33 6.13
CA ASP A 144 4.69 -15.13 5.43
C ASP A 144 4.13 -13.93 6.18
N GLY A 145 4.32 -13.92 7.51
CA GLY A 145 3.84 -12.82 8.33
C GLY A 145 2.36 -12.53 8.15
N GLY A 146 1.56 -13.58 8.01
CA GLY A 146 0.12 -13.39 7.86
C GLY A 146 -0.42 -13.32 6.45
N TYR A 147 0.46 -13.28 5.44
CA TYR A 147 0.00 -13.21 4.06
C TYR A 147 -0.39 -14.55 3.43
N ALA A 148 -0.34 -15.61 4.22
CA ALA A 148 -0.77 -16.92 3.77
C ALA A 148 -2.03 -17.12 4.59
N VAL A 149 -3.16 -16.65 4.06
CA VAL A 149 -4.46 -16.70 4.73
C VAL A 149 -5.16 -18.04 4.68
N SER A 150 -5.54 -18.56 5.84
CA SER A 150 -6.26 -19.83 5.94
C SER A 150 -7.75 -19.58 6.13
N SER A 151 -8.10 -18.32 6.36
CA SER A 151 -9.49 -17.90 6.54
C SER A 151 -9.60 -16.38 6.47
N TYR A 152 -10.52 -15.89 5.64
CA TYR A 152 -10.71 -14.45 5.52
C TYR A 152 -11.67 -13.89 6.55
N ARG A 153 -12.22 -14.76 7.41
CA ARG A 153 -13.19 -14.31 8.42
C ARG A 153 -12.88 -14.63 9.88
N ASP A 154 -12.00 -15.60 10.11
CA ASP A 154 -11.67 -15.97 11.48
C ASP A 154 -10.37 -15.30 11.93
N VAL A 155 -10.48 -14.42 12.90
CA VAL A 155 -9.34 -13.68 13.43
C VAL A 155 -8.29 -14.61 14.04
N ASN A 156 -7.02 -14.23 13.88
CA ASN A 156 -5.92 -15.01 14.44
C ASN A 156 -6.17 -15.06 15.95
N PRO A 157 -6.42 -16.25 16.50
CA PRO A 157 -6.68 -16.40 17.93
C PRO A 157 -5.66 -15.70 18.83
N ALA A 158 -4.43 -15.56 18.34
CA ALA A 158 -3.37 -14.90 19.10
C ALA A 158 -3.62 -13.40 19.26
N LEU A 159 -4.40 -12.84 18.35
CA LEU A 159 -4.72 -11.41 18.37
C LEU A 159 -6.04 -11.12 19.05
N GLY A 160 -6.93 -12.11 19.07
CA GLY A 160 -8.23 -11.92 19.69
C GLY A 160 -9.33 -12.56 18.87
N THR A 161 -10.53 -12.00 18.96
CA THR A 161 -11.68 -12.52 18.25
C THR A 161 -12.23 -11.51 17.26
N ILE A 162 -13.16 -11.95 16.41
CA ILE A 162 -13.77 -11.06 15.44
C ILE A 162 -14.49 -9.96 16.20
N GLY A 163 -14.88 -10.26 17.43
CA GLY A 163 -15.55 -9.29 18.26
C GLY A 163 -14.59 -8.18 18.67
N ASP A 164 -13.35 -8.56 18.96
CA ASP A 164 -12.35 -7.58 19.36
C ASP A 164 -12.03 -6.66 18.19
N LEU A 165 -11.99 -7.24 16.99
CA LEU A 165 -11.69 -6.46 15.80
C LEU A 165 -12.79 -5.44 15.52
N ARG A 166 -14.04 -5.86 15.68
CA ARG A 166 -15.15 -4.94 15.43
C ARG A 166 -15.14 -3.81 16.47
N GLU A 167 -14.68 -4.12 17.68
CA GLU A 167 -14.61 -3.11 18.74
C GLU A 167 -13.49 -2.12 18.43
N VAL A 168 -12.36 -2.65 17.95
CA VAL A 168 -11.21 -1.84 17.59
C VAL A 168 -11.62 -0.84 16.52
N ILE A 169 -12.27 -1.33 15.46
CA ILE A 169 -12.70 -0.47 14.37
C ILE A 169 -13.63 0.62 14.85
N ALA A 170 -14.60 0.28 15.69
CA ALA A 170 -15.54 1.28 16.20
C ALA A 170 -14.75 2.31 17.01
N ALA A 171 -13.80 1.84 17.81
CA ALA A 171 -12.99 2.73 18.63
C ALA A 171 -12.15 3.66 17.76
N LEU A 172 -11.64 3.14 16.65
CA LEU A 172 -10.85 3.97 15.75
C LEU A 172 -11.73 5.06 15.17
N HIS A 173 -12.94 4.69 14.77
CA HIS A 173 -13.88 5.66 14.19
C HIS A 173 -14.26 6.75 15.19
N GLU A 174 -14.47 6.36 16.45
CA GLU A 174 -14.81 7.35 17.47
C GLU A 174 -13.67 8.34 17.62
N ALA A 175 -12.44 7.86 17.43
CA ALA A 175 -11.27 8.71 17.56
C ALA A 175 -10.97 9.47 16.26
N GLY A 176 -11.85 9.33 15.27
CA GLY A 176 -11.64 10.01 14.01
C GLY A 176 -10.50 9.42 13.19
N ILE A 177 -10.38 8.10 13.23
CA ILE A 177 -9.33 7.39 12.50
C ILE A 177 -9.95 6.32 11.59
N SER A 178 -9.56 6.32 10.31
CA SER A 178 -10.07 5.33 9.35
C SER A 178 -9.34 4.00 9.52
N ALA A 179 -10.07 2.91 9.34
CA ALA A 179 -9.51 1.57 9.48
C ALA A 179 -9.14 0.99 8.12
N VAL A 180 -7.92 0.49 8.03
CA VAL A 180 -7.39 -0.10 6.80
C VAL A 180 -6.80 -1.47 7.06
N VAL A 181 -7.19 -2.46 6.24
CA VAL A 181 -6.67 -3.82 6.36
C VAL A 181 -6.42 -4.40 4.98
N ASP A 182 -5.68 -5.52 4.93
CA ASP A 182 -5.36 -6.17 3.67
C ASP A 182 -6.49 -6.98 3.05
N PHE A 183 -6.51 -7.01 1.72
CA PHE A 183 -7.43 -7.83 0.98
C PHE A 183 -6.46 -8.69 0.18
N ILE A 184 -6.03 -9.80 0.79
CA ILE A 184 -5.06 -10.70 0.17
C ILE A 184 -5.80 -11.57 -0.83
N PHE A 185 -6.14 -10.98 -1.97
CA PHE A 185 -6.92 -11.66 -3.00
C PHE A 185 -6.21 -12.38 -4.12
N ASN A 186 -4.88 -12.40 -4.12
CA ASN A 186 -4.20 -13.12 -5.19
C ASN A 186 -3.90 -14.56 -4.83
N HIS A 187 -3.93 -14.85 -3.53
CA HIS A 187 -3.61 -16.21 -3.09
C HIS A 187 -4.06 -16.49 -1.66
N THR A 188 -4.15 -17.78 -1.33
CA THR A 188 -4.53 -18.21 0.02
C THR A 188 -3.46 -19.20 0.46
N SER A 189 -3.50 -19.58 1.74
CA SER A 189 -2.54 -20.57 2.24
C SER A 189 -3.04 -21.91 1.72
N ASN A 190 -2.14 -22.89 1.70
CA ASN A 190 -2.51 -24.22 1.23
C ASN A 190 -3.31 -24.97 2.29
N GLU A 191 -3.61 -24.27 3.38
CA GLU A 191 -4.39 -24.86 4.46
C GLU A 191 -5.80 -24.28 4.48
N HIS A 192 -6.05 -23.32 3.60
CA HIS A 192 -7.37 -22.71 3.50
C HIS A 192 -8.32 -23.81 3.00
N GLU A 193 -9.56 -23.78 3.48
CA GLU A 193 -10.53 -24.78 3.08
C GLU A 193 -10.66 -24.95 1.56
N TRP A 194 -10.73 -23.84 0.83
CA TRP A 194 -10.85 -23.90 -0.64
C TRP A 194 -9.71 -24.68 -1.25
N ALA A 195 -8.50 -24.41 -0.78
CA ALA A 195 -7.30 -25.08 -1.27
C ALA A 195 -7.37 -26.59 -1.05
N GLN A 196 -7.71 -26.98 0.17
CA GLN A 196 -7.80 -28.39 0.52
C GLN A 196 -8.85 -29.14 -0.31
N ARG A 197 -10.05 -28.57 -0.40
CA ARG A 197 -11.14 -29.17 -1.17
C ARG A 197 -10.86 -29.18 -2.67
N CYS A 198 -10.21 -28.14 -3.17
CA CYS A 198 -9.88 -28.10 -4.58
C CYS A 198 -8.92 -29.24 -4.92
N ALA A 199 -7.88 -29.38 -4.10
CA ALA A 199 -6.87 -30.41 -4.30
C ALA A 199 -7.42 -31.83 -4.06
N ALA A 200 -8.42 -31.95 -3.19
CA ALA A 200 -9.02 -33.24 -2.89
C ALA A 200 -9.99 -33.68 -3.99
N GLY A 201 -10.21 -32.80 -4.96
CA GLY A 201 -11.11 -33.15 -6.06
C GLY A 201 -12.57 -32.82 -5.82
N ASP A 202 -12.85 -31.97 -4.84
CA ASP A 202 -14.23 -31.58 -4.56
C ASP A 202 -14.71 -30.80 -5.78
N PRO A 203 -15.75 -31.29 -6.47
CA PRO A 203 -16.26 -30.61 -7.66
C PRO A 203 -16.72 -29.17 -7.40
N LEU A 204 -17.15 -28.89 -6.18
CA LEU A 204 -17.61 -27.55 -5.84
C LEU A 204 -16.45 -26.55 -5.91
N PHE A 205 -15.23 -27.03 -5.78
CA PHE A 205 -14.07 -26.15 -5.83
C PHE A 205 -13.12 -26.45 -6.98
N ASP A 206 -13.67 -27.01 -8.06
CA ASP A 206 -12.85 -27.33 -9.21
C ASP A 206 -12.35 -26.02 -9.83
N ASN A 207 -11.09 -26.03 -10.23
CA ASN A 207 -10.48 -24.88 -10.86
C ASN A 207 -10.44 -23.62 -9.99
N PHE A 208 -10.29 -23.79 -8.68
CA PHE A 208 -10.22 -22.64 -7.79
C PHE A 208 -8.77 -22.14 -7.72
N TYR A 209 -7.86 -22.99 -8.17
CA TYR A 209 -6.44 -22.68 -8.21
C TYR A 209 -5.92 -23.21 -9.54
N TYR A 210 -4.61 -23.10 -9.78
CA TYR A 210 -4.01 -23.60 -11.01
C TYR A 210 -3.16 -24.82 -10.67
N ILE A 211 -3.70 -26.00 -10.92
CA ILE A 211 -2.99 -27.24 -10.62
C ILE A 211 -2.73 -28.01 -11.91
N PHE A 212 -1.50 -28.50 -12.06
CA PHE A 212 -1.11 -29.23 -13.25
C PHE A 212 -0.62 -30.63 -12.91
N PRO A 213 -0.81 -31.58 -13.85
CA PRO A 213 -0.40 -32.98 -13.64
C PRO A 213 1.11 -33.18 -13.57
N ASP A 214 1.84 -32.40 -14.35
CA ASP A 214 3.30 -32.51 -14.42
C ASP A 214 3.96 -31.17 -14.71
N ARG A 215 5.21 -31.22 -15.14
CA ARG A 215 5.99 -30.02 -15.46
C ARG A 215 5.81 -29.45 -16.87
N ARG A 216 4.99 -30.11 -17.71
CA ARG A 216 4.81 -29.64 -19.08
C ARG A 216 4.42 -28.16 -19.18
N MET A 217 3.29 -27.79 -18.58
CA MET A 217 2.88 -26.39 -18.64
C MET A 217 3.71 -25.50 -17.71
N PRO A 218 4.02 -25.97 -16.50
CA PRO A 218 4.82 -25.12 -15.61
C PRO A 218 6.12 -24.68 -16.29
N ASP A 219 6.77 -25.59 -17.00
CA ASP A 219 8.02 -25.25 -17.70
C ASP A 219 7.73 -24.19 -18.77
N GLN A 220 6.64 -24.39 -19.50
CA GLN A 220 6.24 -23.45 -20.53
C GLN A 220 6.02 -22.06 -19.93
N TYR A 221 5.27 -22.01 -18.84
CA TYR A 221 5.01 -20.74 -18.17
C TYR A 221 6.32 -20.11 -17.67
N ASP A 222 7.17 -20.92 -17.05
CA ASP A 222 8.43 -20.43 -16.51
C ASP A 222 9.38 -19.80 -17.53
N ARG A 223 9.13 -20.02 -18.81
CA ARG A 223 9.96 -19.42 -19.84
C ARG A 223 9.88 -17.90 -19.74
N THR A 224 8.71 -17.39 -19.36
CA THR A 224 8.52 -15.94 -19.27
C THR A 224 8.20 -15.38 -17.89
N LEU A 225 8.00 -16.23 -16.89
CA LEU A 225 7.71 -15.70 -15.56
C LEU A 225 8.95 -15.17 -14.89
N ARG A 226 8.80 -14.08 -14.13
CA ARG A 226 9.93 -13.54 -13.39
C ARG A 226 9.86 -14.21 -12.02
N GLU A 227 11.01 -14.46 -11.42
CA GLU A 227 11.03 -15.11 -10.10
C GLU A 227 10.89 -14.06 -9.01
N ILE A 228 9.80 -14.15 -8.25
CA ILE A 228 9.52 -13.19 -7.19
C ILE A 228 10.21 -13.56 -5.87
N PHE A 229 10.08 -14.83 -5.48
CA PHE A 229 10.71 -15.34 -4.26
C PHE A 229 11.66 -16.47 -4.67
N PRO A 230 12.71 -16.15 -5.43
CA PRO A 230 13.69 -17.15 -5.89
C PRO A 230 14.28 -18.03 -4.79
N ASP A 231 14.37 -17.52 -3.57
CA ASP A 231 14.91 -18.31 -2.46
C ASP A 231 14.03 -19.50 -2.09
N GLN A 232 12.72 -19.37 -2.31
CA GLN A 232 11.79 -20.46 -1.96
C GLN A 232 11.62 -21.53 -3.04
N HIS A 233 11.76 -21.14 -4.30
CA HIS A 233 11.60 -22.09 -5.39
C HIS A 233 11.84 -21.40 -6.72
N PRO A 234 12.24 -22.16 -7.74
CA PRO A 234 12.49 -21.55 -9.05
C PRO A 234 11.14 -21.36 -9.77
N GLY A 235 11.09 -20.42 -10.70
CA GLY A 235 9.86 -20.17 -11.42
C GLY A 235 8.67 -19.82 -10.55
N GLY A 236 7.47 -20.22 -10.99
CA GLY A 236 6.29 -19.90 -10.23
C GLY A 236 5.46 -21.08 -9.74
N PHE A 237 6.05 -22.28 -9.70
CA PHE A 237 5.30 -23.44 -9.25
C PHE A 237 5.96 -24.29 -8.18
N SER A 238 5.12 -24.96 -7.40
CA SER A 238 5.58 -25.84 -6.33
C SER A 238 4.91 -27.19 -6.54
N GLN A 239 5.59 -28.26 -6.15
CA GLN A 239 5.05 -29.59 -6.33
C GLN A 239 4.34 -30.11 -5.09
N LEU A 240 3.22 -30.78 -5.29
CA LEU A 240 2.44 -31.34 -4.19
C LEU A 240 2.97 -32.75 -3.87
N GLU A 241 2.67 -33.22 -2.67
CA GLU A 241 3.11 -34.54 -2.24
C GLU A 241 2.67 -35.62 -3.24
N ASP A 242 1.52 -35.42 -3.88
CA ASP A 242 1.03 -36.41 -4.83
C ASP A 242 1.68 -36.29 -6.22
N GLY A 243 2.65 -35.39 -6.34
CA GLY A 243 3.34 -35.23 -7.61
C GLY A 243 2.87 -34.11 -8.53
N ARG A 244 1.63 -33.65 -8.33
CA ARG A 244 1.09 -32.58 -9.17
C ARG A 244 1.80 -31.26 -8.85
N TRP A 245 1.61 -30.26 -9.71
CA TRP A 245 2.22 -28.96 -9.50
C TRP A 245 1.19 -27.85 -9.40
N VAL A 246 1.43 -26.90 -8.51
CA VAL A 246 0.50 -25.79 -8.29
C VAL A 246 1.19 -24.43 -8.47
N TRP A 247 0.45 -23.47 -9.01
CA TRP A 247 1.00 -22.14 -9.22
C TRP A 247 1.19 -21.46 -7.87
N THR A 248 2.43 -21.08 -7.56
CA THR A 248 2.75 -20.42 -6.30
C THR A 248 3.77 -19.30 -6.56
N THR A 249 3.26 -18.10 -6.81
CA THR A 249 4.12 -16.96 -7.08
C THR A 249 5.07 -16.66 -5.93
N PHE A 250 4.55 -16.76 -4.71
CA PHE A 250 5.35 -16.48 -3.52
C PHE A 250 5.83 -17.75 -2.82
N ASN A 251 5.48 -17.95 -1.55
CA ASN A 251 5.91 -19.17 -0.86
C ASN A 251 5.15 -20.39 -1.39
N SER A 252 5.68 -21.57 -1.15
CA SER A 252 5.04 -22.80 -1.59
C SER A 252 3.72 -23.05 -0.88
N PHE A 253 3.55 -22.46 0.30
CA PHE A 253 2.31 -22.62 1.03
C PHE A 253 1.29 -21.53 0.70
N GLN A 254 1.58 -20.76 -0.34
CA GLN A 254 0.68 -19.71 -0.82
C GLN A 254 0.26 -20.08 -2.24
N TRP A 255 -0.99 -20.50 -2.41
CA TRP A 255 -1.50 -20.92 -3.72
C TRP A 255 -2.29 -19.83 -4.43
N ASP A 256 -1.85 -19.48 -5.63
CA ASP A 256 -2.51 -18.43 -6.43
C ASP A 256 -3.93 -18.81 -6.80
N LEU A 257 -4.89 -17.92 -6.49
CA LEU A 257 -6.30 -18.15 -6.81
C LEU A 257 -6.53 -18.01 -8.31
N ASN A 258 -7.44 -18.83 -8.83
CA ASN A 258 -7.75 -18.87 -10.26
C ASN A 258 -8.94 -18.02 -10.67
N TYR A 259 -8.68 -16.75 -10.97
CA TYR A 259 -9.74 -15.82 -11.37
C TYR A 259 -10.31 -16.09 -12.76
N SER A 260 -9.75 -17.04 -13.50
CA SER A 260 -10.31 -17.34 -14.82
C SER A 260 -11.61 -18.11 -14.60
N ASN A 261 -11.85 -18.47 -13.34
CA ASN A 261 -13.05 -19.17 -12.89
C ASN A 261 -13.95 -18.10 -12.25
N PRO A 262 -15.06 -17.73 -12.89
CA PRO A 262 -15.94 -16.71 -12.33
C PRO A 262 -16.39 -16.97 -10.89
N TRP A 263 -16.47 -18.23 -10.47
CA TRP A 263 -16.88 -18.54 -9.11
C TRP A 263 -15.83 -18.09 -8.08
N VAL A 264 -14.59 -17.95 -8.52
CA VAL A 264 -13.53 -17.49 -7.64
C VAL A 264 -13.75 -16.00 -7.36
N PHE A 265 -14.20 -15.26 -8.37
CA PHE A 265 -14.46 -13.84 -8.21
C PHE A 265 -15.60 -13.66 -7.21
N ARG A 266 -16.66 -14.44 -7.42
CA ARG A 266 -17.84 -14.43 -6.58
C ARG A 266 -17.45 -14.69 -5.13
N ALA A 267 -16.64 -15.72 -4.93
CA ALA A 267 -16.18 -16.10 -3.60
C ALA A 267 -15.43 -14.95 -2.94
N MET A 268 -14.48 -14.37 -3.67
CA MET A 268 -13.69 -13.28 -3.13
C MET A 268 -14.51 -12.02 -2.93
N ALA A 269 -15.51 -11.81 -3.77
CA ALA A 269 -16.37 -10.64 -3.63
C ALA A 269 -17.17 -10.84 -2.34
N GLY A 270 -17.46 -12.09 -2.01
CA GLY A 270 -18.20 -12.36 -0.80
C GLY A 270 -17.37 -11.99 0.43
N GLU A 271 -16.08 -12.33 0.39
CA GLU A 271 -15.20 -12.02 1.51
C GLU A 271 -15.03 -10.51 1.61
N MET A 272 -15.02 -9.84 0.46
CA MET A 272 -14.85 -8.39 0.45
C MET A 272 -16.03 -7.71 1.16
N LEU A 273 -17.24 -8.21 0.91
CA LEU A 273 -18.43 -7.65 1.55
C LEU A 273 -18.40 -7.86 3.06
N PHE A 274 -17.85 -9.00 3.48
CA PHE A 274 -17.72 -9.33 4.90
C PHE A 274 -16.85 -8.28 5.58
N LEU A 275 -15.67 -8.02 4.99
CA LEU A 275 -14.76 -7.03 5.54
C LEU A 275 -15.42 -5.66 5.52
N ALA A 276 -16.11 -5.35 4.42
CA ALA A 276 -16.80 -4.08 4.29
C ALA A 276 -17.72 -3.84 5.48
N ASN A 277 -18.55 -4.82 5.80
CA ASN A 277 -19.49 -4.68 6.90
C ASN A 277 -18.87 -4.70 8.29
N LEU A 278 -17.55 -4.86 8.37
CA LEU A 278 -16.87 -4.80 9.66
C LEU A 278 -16.62 -3.32 9.93
N GLY A 279 -16.73 -2.50 8.89
CA GLY A 279 -16.50 -1.08 9.05
C GLY A 279 -15.16 -0.63 8.49
N VAL A 280 -14.51 -1.51 7.73
CA VAL A 280 -13.22 -1.18 7.11
C VAL A 280 -13.42 -0.06 6.11
N ASP A 281 -12.55 0.95 6.15
CA ASP A 281 -12.62 2.10 5.25
C ASP A 281 -11.84 1.91 3.96
N ILE A 282 -10.68 1.26 4.06
CA ILE A 282 -9.85 1.03 2.89
C ILE A 282 -9.27 -0.38 2.90
N LEU A 283 -9.33 -1.03 1.75
CA LEU A 283 -8.77 -2.36 1.61
C LEU A 283 -7.49 -2.27 0.78
N ARG A 284 -6.40 -2.78 1.33
CA ARG A 284 -5.12 -2.77 0.64
C ARG A 284 -5.14 -3.98 -0.30
N MET A 285 -5.19 -3.72 -1.61
CA MET A 285 -5.23 -4.81 -2.58
C MET A 285 -3.82 -5.38 -2.77
N ASP A 286 -3.54 -6.47 -2.06
CA ASP A 286 -2.23 -7.10 -2.09
C ASP A 286 -1.84 -7.78 -3.41
N ALA A 287 -0.62 -7.55 -3.85
CA ALA A 287 -0.09 -8.16 -5.07
C ALA A 287 -1.08 -8.15 -6.24
N VAL A 288 -1.65 -6.97 -6.52
CA VAL A 288 -2.63 -6.81 -7.60
C VAL A 288 -2.17 -7.22 -8.99
N ALA A 289 -0.88 -7.07 -9.25
CA ALA A 289 -0.32 -7.38 -10.56
C ALA A 289 -0.39 -8.83 -11.03
N PHE A 290 -0.52 -9.76 -10.09
CA PHE A 290 -0.51 -11.18 -10.44
C PHE A 290 -1.85 -11.90 -10.61
N ILE A 291 -2.98 -11.20 -10.44
CA ILE A 291 -4.27 -11.88 -10.52
C ILE A 291 -4.74 -12.47 -11.85
N TRP A 292 -3.98 -12.32 -12.92
CA TRP A 292 -4.37 -12.94 -14.18
C TRP A 292 -3.15 -13.56 -14.86
N LYS A 293 -3.32 -14.76 -15.40
CA LYS A 293 -2.21 -15.46 -16.04
C LYS A 293 -2.48 -15.70 -17.52
N GLN A 294 -1.41 -15.74 -18.30
CA GLN A 294 -1.50 -16.00 -19.73
C GLN A 294 -0.14 -16.47 -20.23
N MET A 295 -0.13 -17.68 -20.77
CA MET A 295 1.07 -18.29 -21.31
C MET A 295 1.78 -17.32 -22.26
N GLY A 296 3.11 -17.29 -22.20
CA GLY A 296 3.86 -16.41 -23.07
C GLY A 296 4.06 -14.99 -22.56
N THR A 297 3.45 -14.66 -21.42
CA THR A 297 3.61 -13.33 -20.84
C THR A 297 4.19 -13.48 -19.45
N SER A 298 4.52 -12.35 -18.81
CA SER A 298 5.09 -12.40 -17.47
C SER A 298 3.99 -12.64 -16.44
N CYS A 299 2.75 -12.69 -16.92
CA CYS A 299 1.61 -12.91 -16.03
C CYS A 299 1.53 -11.84 -14.93
N GLU A 300 1.86 -10.61 -15.31
CA GLU A 300 1.82 -9.47 -14.41
C GLU A 300 1.20 -8.31 -15.18
N ASN A 301 0.32 -7.55 -14.52
CA ASN A 301 -0.31 -6.38 -15.12
C ASN A 301 -1.11 -6.67 -16.40
N LEU A 302 -1.68 -7.86 -16.54
CA LEU A 302 -2.45 -8.16 -17.74
C LEU A 302 -3.79 -7.41 -17.72
N PRO A 303 -4.34 -7.09 -18.90
CA PRO A 303 -5.61 -6.36 -19.00
C PRO A 303 -6.74 -6.86 -18.09
N GLN A 304 -6.93 -8.17 -18.03
CA GLN A 304 -7.97 -8.74 -17.20
C GLN A 304 -7.76 -8.45 -15.71
N ALA A 305 -6.52 -8.23 -15.31
CA ALA A 305 -6.25 -7.93 -13.90
C ALA A 305 -6.91 -6.61 -13.55
N HIS A 306 -6.79 -5.62 -14.43
CA HIS A 306 -7.38 -4.31 -14.21
C HIS A 306 -8.90 -4.37 -14.25
N ALA A 307 -9.43 -5.19 -15.15
CA ALA A 307 -10.88 -5.34 -15.28
C ALA A 307 -11.47 -5.95 -14.02
N LEU A 308 -10.79 -6.96 -13.48
CA LEU A 308 -11.27 -7.62 -12.27
C LEU A 308 -11.32 -6.62 -11.12
N ILE A 309 -10.28 -5.82 -10.97
CA ILE A 309 -10.25 -4.84 -9.89
C ILE A 309 -11.35 -3.82 -10.08
N ARG A 310 -11.60 -3.41 -11.32
CA ARG A 310 -12.67 -2.44 -11.58
C ARG A 310 -14.02 -3.09 -11.29
N ALA A 311 -14.14 -4.40 -11.48
CA ALA A 311 -15.38 -5.10 -11.17
C ALA A 311 -15.58 -5.07 -9.66
N PHE A 312 -14.53 -5.38 -8.90
CA PHE A 312 -14.61 -5.33 -7.44
C PHE A 312 -15.03 -3.93 -7.01
N ASN A 313 -14.48 -2.91 -7.66
CA ASN A 313 -14.80 -1.51 -7.36
C ASN A 313 -16.31 -1.28 -7.44
N ALA A 314 -16.90 -1.69 -8.55
CA ALA A 314 -18.34 -1.54 -8.77
C ALA A 314 -19.17 -2.21 -7.69
N VAL A 315 -18.72 -3.35 -7.19
CA VAL A 315 -19.45 -4.06 -6.15
C VAL A 315 -19.50 -3.20 -4.88
N MET A 316 -18.43 -2.47 -4.61
CA MET A 316 -18.42 -1.60 -3.43
C MET A 316 -19.28 -0.36 -3.68
N ARG A 317 -19.25 0.16 -4.90
CA ARG A 317 -20.05 1.34 -5.23
C ARG A 317 -21.53 1.00 -5.04
N ILE A 318 -21.84 -0.29 -5.15
CA ILE A 318 -23.22 -0.76 -5.01
C ILE A 318 -23.63 -1.20 -3.61
N ALA A 319 -22.78 -1.96 -2.93
CA ALA A 319 -23.13 -2.47 -1.61
C ALA A 319 -22.37 -1.93 -0.40
N ALA A 320 -21.40 -1.04 -0.62
CA ALA A 320 -20.64 -0.44 0.48
C ALA A 320 -19.76 0.68 -0.06
N PRO A 321 -20.39 1.78 -0.51
CA PRO A 321 -19.73 2.96 -1.08
C PRO A 321 -18.58 3.56 -0.30
N ALA A 322 -18.57 3.37 1.01
CA ALA A 322 -17.51 3.92 1.85
C ALA A 322 -16.16 3.27 1.65
N VAL A 323 -16.15 2.04 1.14
CA VAL A 323 -14.93 1.28 0.97
C VAL A 323 -14.10 1.60 -0.28
N PHE A 324 -12.93 2.18 -0.06
CA PHE A 324 -12.00 2.54 -1.12
C PHE A 324 -10.88 1.49 -1.19
N PHE A 325 -10.15 1.47 -2.30
CA PHE A 325 -9.06 0.51 -2.50
C PHE A 325 -7.68 1.18 -2.55
N LYS A 326 -6.70 0.52 -1.95
CA LYS A 326 -5.33 0.99 -1.98
C LYS A 326 -4.55 -0.07 -2.75
N SER A 327 -4.11 0.30 -3.96
CA SER A 327 -3.36 -0.61 -4.80
C SER A 327 -1.92 -0.81 -4.33
N GLN A 328 -1.48 -2.07 -4.28
CA GLN A 328 -0.11 -2.36 -3.91
C GLN A 328 0.52 -3.00 -5.15
N ALA A 329 0.85 -2.15 -6.12
CA ALA A 329 1.47 -2.60 -7.36
C ALA A 329 2.94 -2.19 -7.34
N ILE A 330 3.80 -3.14 -7.02
CA ILE A 330 5.23 -2.89 -6.97
C ILE A 330 5.76 -3.39 -8.31
N VAL A 331 5.61 -2.54 -9.32
CA VAL A 331 6.01 -2.87 -10.69
C VAL A 331 6.60 -1.64 -11.38
N HIS A 332 6.94 -1.79 -12.66
CA HIS A 332 7.49 -0.68 -13.45
C HIS A 332 6.55 0.53 -13.35
N PRO A 333 7.13 1.74 -13.23
CA PRO A 333 6.33 2.98 -13.13
C PRO A 333 5.18 3.11 -14.14
N ASP A 334 5.39 2.68 -15.38
CA ASP A 334 4.34 2.78 -16.39
C ASP A 334 3.13 1.93 -16.00
N GLN A 335 3.39 0.82 -15.31
CA GLN A 335 2.35 -0.10 -14.87
C GLN A 335 1.69 0.30 -13.56
N VAL A 336 2.46 0.91 -12.66
CA VAL A 336 1.94 1.31 -11.36
C VAL A 336 0.72 2.21 -11.47
N VAL A 337 0.85 3.28 -12.25
CA VAL A 337 -0.22 4.26 -12.40
C VAL A 337 -1.50 3.72 -13.03
N GLN A 338 -1.38 2.63 -13.79
CA GLN A 338 -2.56 2.07 -14.44
C GLN A 338 -3.61 1.46 -13.50
N TYR A 339 -3.21 1.18 -12.25
CA TYR A 339 -4.15 0.61 -11.28
C TYR A 339 -4.91 1.72 -10.56
N ILE A 340 -4.40 2.95 -10.67
CA ILE A 340 -5.02 4.07 -9.99
C ILE A 340 -6.05 4.80 -10.82
N GLY A 341 -7.28 4.80 -10.32
CA GLY A 341 -8.37 5.46 -11.01
C GLY A 341 -9.57 5.44 -10.08
N GLN A 342 -10.47 6.41 -10.24
CA GLN A 342 -11.65 6.46 -9.39
C GLN A 342 -12.45 5.17 -9.50
N ASP A 343 -12.46 4.57 -10.68
CA ASP A 343 -13.21 3.33 -10.91
C ASP A 343 -12.40 2.06 -10.69
N GLU A 344 -11.14 2.19 -10.29
CA GLU A 344 -10.29 1.02 -10.03
C GLU A 344 -9.80 1.16 -8.59
N CYS A 345 -8.55 1.56 -8.38
CA CYS A 345 -8.03 1.78 -7.03
C CYS A 345 -7.89 3.28 -6.85
N GLN A 346 -8.69 3.86 -5.95
CA GLN A 346 -8.66 5.30 -5.72
C GLN A 346 -7.32 5.81 -5.24
N ILE A 347 -6.58 4.98 -4.50
CA ILE A 347 -5.24 5.36 -4.06
C ILE A 347 -4.30 4.19 -4.29
N GLY A 348 -3.01 4.47 -4.34
CA GLY A 348 -2.05 3.40 -4.55
C GLY A 348 -0.68 3.77 -4.03
N TYR A 349 0.07 2.75 -3.62
CA TYR A 349 1.41 2.98 -3.13
C TYR A 349 2.24 3.64 -4.23
N ASN A 350 3.19 4.49 -3.81
CA ASN A 350 4.05 5.21 -4.74
C ASN A 350 5.49 4.67 -4.56
N PRO A 351 5.74 3.43 -5.03
CA PRO A 351 7.08 2.83 -4.91
C PRO A 351 8.18 3.59 -5.63
N LEU A 352 7.81 4.34 -6.66
CA LEU A 352 8.81 5.11 -7.40
C LEU A 352 9.42 6.19 -6.50
N GLN A 353 8.57 6.98 -5.85
CA GLN A 353 9.08 8.04 -4.98
C GLN A 353 9.86 7.43 -3.83
N MET A 354 9.32 6.35 -3.25
CA MET A 354 9.96 5.67 -2.13
C MET A 354 11.37 5.19 -2.49
N ALA A 355 11.48 4.43 -3.57
CA ALA A 355 12.77 3.91 -4.00
C ALA A 355 13.75 5.04 -4.33
N LEU A 356 13.25 6.10 -4.96
CA LEU A 356 14.12 7.20 -5.32
C LEU A 356 14.54 8.05 -4.12
N LEU A 357 13.77 8.02 -3.05
CA LEU A 357 14.16 8.77 -1.85
C LEU A 357 15.46 8.17 -1.34
N TRP A 358 15.47 6.84 -1.21
CA TRP A 358 16.65 6.13 -0.73
C TRP A 358 17.79 6.24 -1.73
N ASN A 359 17.47 6.15 -3.01
CA ASN A 359 18.47 6.29 -4.06
C ASN A 359 19.21 7.62 -3.89
N THR A 360 18.45 8.69 -3.66
CA THR A 360 19.01 10.03 -3.51
C THR A 360 19.91 10.16 -2.29
N LEU A 361 19.57 9.49 -1.19
CA LEU A 361 20.42 9.55 -0.01
C LEU A 361 21.78 8.94 -0.33
N ALA A 362 21.77 7.88 -1.11
CA ALA A 362 23.00 7.17 -1.47
C ALA A 362 23.88 7.91 -2.46
N THR A 363 23.28 8.44 -3.53
CA THR A 363 24.04 9.15 -4.55
C THR A 363 24.24 10.62 -4.25
N ARG A 364 23.38 11.18 -3.40
CA ARG A 364 23.39 12.60 -3.04
C ARG A 364 22.91 13.43 -4.23
N GLU A 365 22.47 12.77 -5.30
CA GLU A 365 22.02 13.44 -6.50
C GLU A 365 20.51 13.27 -6.70
N VAL A 366 19.81 14.40 -6.87
CA VAL A 366 18.37 14.36 -7.02
C VAL A 366 17.84 14.16 -8.45
N ASN A 367 18.74 14.00 -9.41
CA ASN A 367 18.34 13.81 -10.80
C ASN A 367 17.12 12.89 -11.02
N LEU A 368 17.22 11.65 -10.59
CA LEU A 368 16.11 10.70 -10.77
C LEU A 368 14.85 11.11 -10.02
N LEU A 369 15.02 11.57 -8.78
CA LEU A 369 13.88 12.00 -7.98
C LEU A 369 13.18 13.19 -8.63
N HIS A 370 13.98 14.15 -9.08
CA HIS A 370 13.43 15.34 -9.74
C HIS A 370 12.64 14.90 -10.97
N GLN A 371 13.24 14.02 -11.76
CA GLN A 371 12.59 13.49 -12.97
C GLN A 371 11.23 12.87 -12.66
N ALA A 372 11.20 12.04 -11.62
CA ALA A 372 9.96 11.37 -11.20
C ALA A 372 8.89 12.36 -10.73
N LEU A 373 9.28 13.33 -9.91
CA LEU A 373 8.34 14.33 -9.41
C LEU A 373 7.82 15.23 -10.51
N THR A 374 8.63 15.43 -11.54
CA THR A 374 8.25 16.28 -12.65
C THR A 374 7.30 15.61 -13.63
N TYR A 375 7.58 14.35 -13.98
CA TYR A 375 6.80 13.63 -14.97
C TYR A 375 5.88 12.50 -14.52
N ARG A 376 6.03 12.01 -13.30
CA ARG A 376 5.19 10.89 -12.86
C ARG A 376 4.43 11.08 -11.56
N HIS A 377 4.31 12.31 -11.08
CA HIS A 377 3.61 12.54 -9.83
C HIS A 377 2.12 12.85 -9.94
N ASN A 378 1.76 13.77 -10.82
CA ASN A 378 0.36 14.15 -10.96
C ASN A 378 -0.54 12.99 -11.39
N LEU A 379 -1.68 12.87 -10.73
CA LEU A 379 -2.62 11.79 -11.01
C LEU A 379 -4.00 12.29 -11.46
N PRO A 380 -4.83 11.38 -11.99
CA PRO A 380 -6.18 11.73 -12.45
C PRO A 380 -6.97 12.29 -11.26
N GLU A 381 -8.03 13.05 -11.55
CA GLU A 381 -8.84 13.62 -10.48
C GLU A 381 -9.41 12.50 -9.60
N HIS A 382 -9.67 12.81 -8.35
CA HIS A 382 -10.24 11.87 -7.39
C HIS A 382 -9.40 10.65 -7.06
N THR A 383 -8.09 10.77 -7.24
CA THR A 383 -7.17 9.68 -6.92
C THR A 383 -5.96 10.29 -6.20
N ALA A 384 -5.19 9.45 -5.53
CA ALA A 384 -4.01 9.94 -4.81
C ALA A 384 -2.98 8.86 -4.55
N TRP A 385 -1.74 9.29 -4.35
CA TRP A 385 -0.66 8.38 -4.05
C TRP A 385 -0.67 8.16 -2.55
N VAL A 386 -0.09 7.04 -2.15
CA VAL A 386 0.11 6.75 -0.74
C VAL A 386 1.64 6.84 -0.73
N ASN A 387 2.17 7.90 -0.13
CA ASN A 387 3.61 8.09 -0.08
C ASN A 387 4.19 7.52 1.20
N TYR A 388 5.26 6.74 1.05
CA TYR A 388 5.90 6.11 2.20
C TYR A 388 7.43 6.13 2.13
N VAL A 389 8.07 5.90 3.27
CA VAL A 389 9.52 5.87 3.36
C VAL A 389 9.96 4.41 3.51
N ARG A 390 9.23 3.66 4.31
CA ARG A 390 9.49 2.24 4.52
C ARG A 390 8.16 1.53 4.77
N SER A 391 8.20 0.20 4.77
CA SER A 391 7.02 -0.62 5.02
C SER A 391 7.46 -1.93 5.66
N HIS A 392 6.55 -2.90 5.74
CA HIS A 392 6.88 -4.19 6.30
C HIS A 392 7.70 -4.99 5.29
N ASP A 393 7.73 -4.49 4.05
CA ASP A 393 8.46 -5.16 2.98
C ASP A 393 9.86 -4.68 2.72
N ASP A 394 10.55 -5.44 1.87
CA ASP A 394 11.89 -5.13 1.43
C ASP A 394 11.79 -3.91 0.53
N ILE A 395 12.92 -3.28 0.25
CA ILE A 395 12.93 -2.13 -0.65
C ILE A 395 13.33 -2.65 -2.04
N GLY A 396 12.48 -2.40 -3.03
CA GLY A 396 12.78 -2.83 -4.39
C GLY A 396 13.16 -1.55 -5.13
N TRP A 397 14.20 -1.61 -5.96
CA TRP A 397 14.63 -0.42 -6.68
C TRP A 397 13.79 -0.08 -7.91
N THR A 398 12.58 0.41 -7.64
CA THR A 398 11.65 0.78 -8.70
C THR A 398 12.03 2.07 -9.41
N PHE A 399 12.11 2.00 -10.74
CA PHE A 399 12.36 3.14 -11.61
C PHE A 399 12.51 2.66 -13.03
N ALA A 400 12.09 3.48 -13.99
CA ALA A 400 12.16 3.10 -15.40
C ALA A 400 13.57 3.21 -15.95
N ASP A 401 14.09 2.10 -16.47
CA ASP A 401 15.43 2.08 -17.04
C ASP A 401 15.54 3.06 -18.20
N GLU A 402 14.42 3.28 -18.90
CA GLU A 402 14.40 4.19 -20.02
C GLU A 402 14.55 5.62 -19.52
N ASP A 403 13.97 5.91 -18.35
CA ASP A 403 14.07 7.24 -17.76
C ASP A 403 15.52 7.46 -17.32
N ALA A 404 16.09 6.45 -16.70
CA ALA A 404 17.46 6.51 -16.22
C ALA A 404 18.43 6.66 -17.38
N ALA A 405 18.20 5.94 -18.47
CA ALA A 405 19.08 6.01 -19.63
C ALA A 405 19.13 7.43 -20.17
N TYR A 406 18.01 8.15 -20.05
CA TYR A 406 17.94 9.52 -20.54
C TYR A 406 18.86 10.40 -19.71
N LEU A 407 19.12 9.99 -18.47
CA LEU A 407 20.00 10.74 -17.58
C LEU A 407 21.43 10.20 -17.63
N GLY A 408 21.67 9.26 -18.55
CA GLY A 408 22.98 8.67 -18.68
C GLY A 408 23.28 7.64 -17.62
N ILE A 409 22.23 7.06 -17.04
CA ILE A 409 22.39 6.06 -16.00
C ILE A 409 21.93 4.67 -16.44
N SER A 410 22.79 3.69 -16.20
CA SER A 410 22.51 2.29 -16.55
C SER A 410 21.76 1.64 -15.38
N GLY A 411 20.51 1.27 -15.62
CA GLY A 411 19.70 0.65 -14.60
C GLY A 411 20.36 -0.51 -13.86
N TYR A 412 20.81 -1.51 -14.62
CA TYR A 412 21.43 -2.67 -14.00
C TYR A 412 22.64 -2.30 -13.15
N ASP A 413 23.58 -1.55 -13.72
CA ASP A 413 24.78 -1.17 -12.96
C ASP A 413 24.42 -0.31 -11.74
N HIS A 414 23.48 0.60 -11.91
CA HIS A 414 23.08 1.48 -10.82
C HIS A 414 22.48 0.72 -9.65
N ARG A 415 21.68 -0.31 -9.94
CA ARG A 415 21.08 -1.09 -8.88
C ARG A 415 22.15 -1.93 -8.16
N GLN A 416 23.19 -2.33 -8.87
CA GLN A 416 24.27 -3.10 -8.26
C GLN A 416 24.87 -2.21 -7.17
N PHE A 417 25.07 -0.94 -7.50
CA PHE A 417 25.61 0.01 -6.55
C PHE A 417 24.65 0.22 -5.38
N LEU A 418 23.38 0.47 -5.69
CA LEU A 418 22.38 0.72 -4.64
C LEU A 418 22.31 -0.42 -3.64
N ASN A 419 22.29 -1.66 -4.14
CA ASN A 419 22.24 -2.81 -3.26
C ASN A 419 23.48 -2.91 -2.39
N ARG A 420 24.65 -2.71 -2.99
CA ARG A 420 25.90 -2.78 -2.23
C ARG A 420 25.94 -1.70 -1.16
N PHE A 421 25.59 -0.49 -1.55
CA PHE A 421 25.59 0.62 -0.61
C PHE A 421 24.69 0.38 0.60
N PHE A 422 23.47 -0.06 0.35
CA PHE A 422 22.55 -0.27 1.46
C PHE A 422 22.72 -1.52 2.30
N VAL A 423 23.58 -2.45 1.89
CA VAL A 423 23.84 -3.63 2.68
C VAL A 423 25.25 -3.47 3.26
N ASN A 424 25.74 -2.23 3.19
CA ASN A 424 27.05 -1.84 3.71
C ASN A 424 28.22 -2.61 3.09
N ARG A 425 28.23 -2.68 1.77
CA ARG A 425 29.30 -3.34 1.04
C ARG A 425 29.84 -2.33 0.03
N PHE A 426 29.92 -1.08 0.49
CA PHE A 426 30.44 0.01 -0.33
C PHE A 426 31.17 0.96 0.63
N ASP A 427 32.45 1.20 0.37
CA ASP A 427 33.25 2.07 1.21
C ASP A 427 32.57 3.41 1.52
N GLY A 428 32.47 3.74 2.79
CA GLY A 428 31.86 4.99 3.20
C GLY A 428 30.37 4.95 3.49
N SER A 429 29.72 3.84 3.14
CA SER A 429 28.28 3.73 3.37
C SER A 429 27.88 3.86 4.84
N PHE A 430 26.75 4.54 5.05
CA PHE A 430 26.22 4.74 6.40
C PHE A 430 25.07 3.76 6.65
N ALA A 431 24.67 3.05 5.59
CA ALA A 431 23.55 2.11 5.68
C ALA A 431 23.92 0.75 6.27
N ARG A 432 23.00 0.17 7.02
CA ARG A 432 23.21 -1.12 7.65
C ARG A 432 22.03 -2.06 7.38
N GLY A 433 21.68 -2.21 6.10
CA GLY A 433 20.57 -3.08 5.75
C GLY A 433 21.08 -4.48 5.43
N VAL A 434 20.17 -5.38 5.06
CA VAL A 434 20.54 -6.75 4.73
C VAL A 434 19.88 -7.19 3.42
N PRO A 435 20.51 -8.13 2.70
CA PRO A 435 19.97 -8.61 1.43
C PRO A 435 18.64 -9.36 1.56
N PHE A 436 17.85 -9.31 0.49
CA PHE A 436 16.58 -10.02 0.45
C PHE A 436 16.37 -10.52 -0.98
N GLN A 437 16.22 -11.83 -1.11
CA GLN A 437 15.99 -12.47 -2.40
C GLN A 437 17.05 -12.18 -3.45
N TYR A 438 18.32 -12.33 -3.07
CA TYR A 438 19.38 -12.13 -4.05
C TYR A 438 19.23 -13.26 -5.05
N ASN A 439 19.12 -12.91 -6.33
CA ASN A 439 18.97 -13.90 -7.37
C ASN A 439 20.25 -13.97 -8.20
N PRO A 440 21.07 -15.00 -7.95
CA PRO A 440 22.34 -15.15 -8.68
C PRO A 440 22.18 -15.30 -10.20
N SER A 441 21.02 -15.77 -10.65
CA SER A 441 20.76 -15.94 -12.07
C SER A 441 20.47 -14.62 -12.77
N THR A 442 20.05 -13.61 -12.02
CA THR A 442 19.75 -12.31 -12.62
C THR A 442 20.52 -11.13 -12.03
N GLY A 443 21.15 -11.35 -10.89
CA GLY A 443 21.90 -10.28 -10.26
C GLY A 443 21.00 -9.34 -9.47
N ASP A 444 19.70 -9.63 -9.49
CA ASP A 444 18.72 -8.81 -8.78
C ASP A 444 18.74 -9.06 -7.28
N CYS A 445 18.48 -8.01 -6.50
CA CYS A 445 18.45 -8.13 -5.05
C CYS A 445 17.66 -6.98 -4.45
N ARG A 446 17.03 -7.23 -3.30
CA ARG A 446 16.26 -6.20 -2.62
C ARG A 446 16.86 -6.00 -1.23
N VAL A 447 16.49 -4.91 -0.55
CA VAL A 447 17.07 -4.61 0.76
C VAL A 447 16.11 -4.59 1.93
N SER A 448 16.54 -5.17 3.05
CA SER A 448 15.74 -5.19 4.26
C SER A 448 16.45 -4.29 5.28
N GLY A 449 15.69 -3.80 6.25
CA GLY A 449 16.23 -2.92 7.27
C GLY A 449 15.27 -1.78 7.56
N THR A 450 15.27 -1.29 8.80
CA THR A 450 14.40 -0.18 9.18
C THR A 450 14.98 1.11 8.66
N ALA A 451 14.17 2.16 8.64
CA ALA A 451 14.62 3.47 8.17
C ALA A 451 15.84 3.95 8.96
N ALA A 452 15.78 3.80 10.28
CA ALA A 452 16.89 4.23 11.14
C ALA A 452 18.17 3.48 10.82
N ALA A 453 18.07 2.18 10.53
CA ALA A 453 19.24 1.38 10.21
C ALA A 453 19.86 1.73 8.87
N LEU A 454 19.03 2.16 7.92
CA LEU A 454 19.50 2.51 6.59
C LEU A 454 20.12 3.90 6.51
N VAL A 455 19.86 4.75 7.51
CA VAL A 455 20.41 6.11 7.52
C VAL A 455 21.64 6.20 8.44
N GLY A 456 21.94 5.10 9.12
CA GLY A 456 23.10 5.07 9.99
C GLY A 456 22.88 5.35 11.47
N LEU A 457 21.65 5.29 11.94
CA LEU A 457 21.39 5.56 13.35
C LEU A 457 21.96 4.45 14.24
N ALA A 458 22.09 3.24 13.70
CA ALA A 458 22.62 2.13 14.48
C ALA A 458 24.03 2.41 14.99
N GLN A 459 24.84 3.12 14.20
CA GLN A 459 26.20 3.44 14.62
C GLN A 459 26.27 4.89 15.12
N ASP A 460 25.10 5.49 15.33
CA ASP A 460 25.01 6.86 15.83
C ASP A 460 25.59 7.90 14.88
N ASP A 461 25.37 7.71 13.58
CA ASP A 461 25.86 8.68 12.60
C ASP A 461 25.21 10.02 12.93
N PRO A 462 26.01 11.08 13.09
CA PRO A 462 25.51 12.43 13.42
C PRO A 462 24.47 12.99 12.44
N HIS A 463 24.38 12.40 11.25
CA HIS A 463 23.43 12.86 10.24
C HIS A 463 22.17 11.99 10.18
N ALA A 464 22.19 10.87 10.88
CA ALA A 464 21.06 9.95 10.88
C ALA A 464 19.71 10.60 11.11
N VAL A 465 19.56 11.31 12.23
CA VAL A 465 18.29 11.95 12.55
C VAL A 465 17.80 12.89 11.45
N ASP A 466 18.69 13.73 10.92
CA ASP A 466 18.28 14.67 9.88
C ASP A 466 17.88 13.95 8.59
N ARG A 467 18.51 12.81 8.31
CA ARG A 467 18.19 12.06 7.11
C ARG A 467 16.75 11.54 7.20
N ILE A 468 16.39 11.02 8.37
CA ILE A 468 15.04 10.51 8.60
C ILE A 468 14.01 11.62 8.38
N LYS A 469 14.25 12.77 8.99
CA LYS A 469 13.34 13.91 8.87
C LYS A 469 13.24 14.39 7.43
N LEU A 470 14.35 14.32 6.69
CA LEU A 470 14.36 14.75 5.31
C LEU A 470 13.47 13.85 4.45
N LEU A 471 13.65 12.55 4.57
CA LEU A 471 12.86 11.59 3.79
C LEU A 471 11.38 11.73 4.06
N TYR A 472 11.02 11.73 5.33
CA TYR A 472 9.61 11.84 5.69
C TYR A 472 9.02 13.18 5.27
N SER A 473 9.84 14.23 5.27
CA SER A 473 9.32 15.55 4.89
C SER A 473 8.80 15.50 3.45
N ILE A 474 9.46 14.72 2.60
CA ILE A 474 9.04 14.63 1.21
C ILE A 474 7.76 13.82 1.04
N ALA A 475 7.61 12.75 1.81
CA ALA A 475 6.40 11.92 1.74
C ALA A 475 5.22 12.70 2.31
N LEU A 476 5.52 13.59 3.26
CA LEU A 476 4.49 14.39 3.92
C LEU A 476 4.06 15.64 3.18
N SER A 477 4.83 16.07 2.19
CA SER A 477 4.48 17.31 1.51
C SER A 477 4.35 17.31 -0.01
N THR A 478 4.68 16.20 -0.67
CA THR A 478 4.58 16.16 -2.13
C THR A 478 3.15 16.11 -2.66
N GLY A 479 2.22 15.64 -1.84
CA GLY A 479 0.85 15.56 -2.29
C GLY A 479 0.49 14.08 -2.35
N GLY A 480 -0.45 13.69 -1.51
CA GLY A 480 -0.86 12.31 -1.43
C GLY A 480 -0.99 11.98 0.04
N LEU A 481 -1.48 10.79 0.36
CA LEU A 481 -1.65 10.38 1.74
C LEU A 481 -0.36 9.74 2.23
N PRO A 482 0.30 10.36 3.23
CA PRO A 482 1.54 9.79 3.75
C PRO A 482 1.29 8.68 4.74
N LEU A 483 2.06 7.59 4.63
CA LEU A 483 1.91 6.45 5.51
C LEU A 483 3.21 6.20 6.26
N ILE A 484 3.16 6.44 7.56
CA ILE A 484 4.32 6.27 8.44
C ILE A 484 4.41 4.84 8.96
N TYR A 485 5.60 4.24 8.84
CA TYR A 485 5.80 2.88 9.35
C TYR A 485 6.02 3.10 10.85
N LEU A 486 5.01 2.77 11.65
CA LEU A 486 5.09 2.99 13.10
C LEU A 486 6.35 2.36 13.71
N GLY A 487 7.08 3.21 14.43
CA GLY A 487 8.33 2.77 15.04
C GLY A 487 9.41 3.67 14.45
N ASP A 488 9.18 4.13 13.22
CA ASP A 488 10.13 5.02 12.55
C ASP A 488 10.19 6.37 13.26
N GLU A 489 9.06 6.80 13.83
CA GLU A 489 8.99 8.10 14.49
C GLU A 489 9.84 8.24 15.76
N VAL A 490 10.47 7.14 16.19
CA VAL A 490 11.34 7.18 17.37
C VAL A 490 12.67 6.51 17.06
N GLY A 491 12.95 6.30 15.77
CA GLY A 491 14.20 5.70 15.34
C GLY A 491 14.44 4.24 15.68
N THR A 492 13.39 3.42 15.60
CA THR A 492 13.52 2.01 15.92
C THR A 492 14.51 1.30 14.99
N LEU A 493 15.40 0.50 15.57
CA LEU A 493 16.41 -0.22 14.79
C LEU A 493 15.97 -1.62 14.38
N ASN A 494 16.83 -2.31 13.65
CA ASN A 494 16.52 -3.66 13.20
C ASN A 494 16.44 -4.62 14.38
N ASP A 495 15.78 -5.74 14.16
CA ASP A 495 15.72 -6.78 15.17
C ASP A 495 16.81 -7.75 14.69
N ASP A 496 17.93 -7.80 15.38
CA ASP A 496 19.02 -8.68 14.96
C ASP A 496 18.83 -10.17 15.30
N ASP A 497 17.81 -10.48 16.09
CA ASP A 497 17.54 -11.87 16.46
C ASP A 497 16.84 -12.70 15.38
N TRP A 498 16.17 -12.03 14.45
CA TRP A 498 15.43 -12.70 13.38
C TRP A 498 16.20 -13.84 12.70
N SER A 499 17.48 -13.62 12.40
CA SER A 499 18.29 -14.63 11.72
C SER A 499 18.49 -15.90 12.54
N GLN A 500 18.33 -15.79 13.84
CA GLN A 500 18.50 -16.94 14.74
C GLN A 500 17.18 -17.70 14.90
N ASP A 501 16.07 -17.03 14.59
CA ASP A 501 14.74 -17.63 14.70
C ASP A 501 14.44 -18.56 13.53
N SER A 502 14.23 -19.83 13.84
CA SER A 502 13.96 -20.84 12.84
C SER A 502 12.81 -20.53 11.87
N ASN A 503 11.76 -19.89 12.35
CA ASN A 503 10.63 -19.56 11.48
C ASN A 503 10.82 -18.25 10.73
N LYS A 504 11.94 -17.57 10.95
CA LYS A 504 12.20 -16.28 10.30
C LYS A 504 13.50 -16.21 9.52
N SER A 505 14.47 -17.02 9.94
CA SER A 505 15.80 -17.01 9.32
C SER A 505 15.85 -17.02 7.80
N ASP A 506 14.82 -17.54 7.14
CA ASP A 506 14.82 -17.58 5.68
C ASP A 506 14.23 -16.32 5.04
N ASP A 507 13.75 -15.39 5.87
CA ASP A 507 13.13 -14.16 5.39
C ASP A 507 13.73 -12.95 6.11
N SER A 508 14.67 -12.26 5.47
CA SER A 508 15.34 -11.10 6.06
C SER A 508 14.44 -9.89 6.32
N ARG A 509 13.20 -9.93 5.84
CA ARG A 509 12.30 -8.81 6.08
C ARG A 509 11.97 -8.69 7.56
N TRP A 510 12.13 -9.77 8.31
CA TRP A 510 11.85 -9.72 9.75
C TRP A 510 12.84 -8.82 10.48
N ALA A 511 13.96 -8.52 9.83
CA ALA A 511 14.97 -7.63 10.41
C ALA A 511 14.38 -6.24 10.63
N HIS A 512 13.45 -5.83 9.76
CA HIS A 512 12.83 -4.53 9.92
C HIS A 512 11.41 -4.60 10.44
N ARG A 513 11.08 -5.69 11.15
CA ARG A 513 9.76 -5.84 11.74
C ARG A 513 9.94 -6.04 13.25
N PRO A 514 10.60 -5.07 13.92
CA PRO A 514 10.86 -5.14 15.36
C PRO A 514 9.61 -4.87 16.20
N ARG A 515 9.65 -5.31 17.46
CA ARG A 515 8.55 -5.08 18.37
C ARG A 515 8.60 -3.66 18.89
N TYR A 516 7.52 -3.24 19.55
CA TYR A 516 7.42 -1.91 20.14
C TYR A 516 8.62 -1.70 21.06
N ASN A 517 9.39 -0.64 20.84
CA ASN A 517 10.55 -0.37 21.69
C ASN A 517 10.12 0.61 22.77
N GLU A 518 9.79 0.07 23.94
CA GLU A 518 9.33 0.89 25.05
C GLU A 518 10.34 1.95 25.48
N ALA A 519 11.62 1.59 25.48
CA ALA A 519 12.66 2.52 25.87
C ALA A 519 12.68 3.74 24.94
N LEU A 520 12.62 3.51 23.63
CA LEU A 520 12.62 4.62 22.67
C LEU A 520 11.36 5.47 22.77
N TYR A 521 10.20 4.83 22.92
CA TYR A 521 8.95 5.58 23.03
C TYR A 521 8.92 6.43 24.30
N ALA A 522 9.56 5.97 25.36
CA ALA A 522 9.60 6.72 26.61
C ALA A 522 10.48 7.97 26.47
N GLN A 523 11.27 8.02 25.40
CA GLN A 523 12.17 9.15 25.16
C GLN A 523 11.62 10.12 24.10
N ARG A 524 10.43 9.87 23.58
CA ARG A 524 9.88 10.71 22.51
C ARG A 524 9.69 12.21 22.81
N ASN A 525 9.64 12.58 24.09
CA ASN A 525 9.47 13.99 24.44
C ASN A 525 10.78 14.62 24.95
N ASP A 526 11.87 13.88 24.84
CA ASP A 526 13.18 14.34 25.28
C ASP A 526 13.98 14.80 24.07
N PRO A 527 14.12 16.12 23.87
CA PRO A 527 14.87 16.68 22.73
C PRO A 527 16.37 16.38 22.69
N SER A 528 16.89 15.75 23.75
CA SER A 528 18.30 15.42 23.83
C SER A 528 18.58 14.02 23.28
N THR A 529 17.52 13.27 22.98
CA THR A 529 17.68 11.92 22.45
C THR A 529 17.31 11.86 20.98
N ALA A 530 17.81 10.84 20.29
CA ALA A 530 17.52 10.67 18.88
C ALA A 530 16.01 10.44 18.72
N ALA A 531 15.44 9.65 19.63
CA ALA A 531 14.01 9.35 19.58
C ALA A 531 13.15 10.61 19.69
N GLY A 532 13.53 11.51 20.60
CA GLY A 532 12.79 12.74 20.79
C GLY A 532 12.99 13.71 19.65
N GLN A 533 14.20 13.74 19.11
CA GLN A 533 14.50 14.62 18.00
C GLN A 533 13.71 14.16 16.78
N ILE A 534 13.66 12.85 16.57
CA ILE A 534 12.91 12.31 15.45
C ILE A 534 11.42 12.53 15.62
N TYR A 535 10.89 12.14 16.79
CA TYR A 535 9.46 12.30 17.05
C TYR A 535 8.96 13.74 16.91
N GLN A 536 9.62 14.67 17.59
CA GLN A 536 9.22 16.07 17.54
C GLN A 536 9.41 16.67 16.15
N GLY A 537 10.44 16.22 15.45
CA GLY A 537 10.69 16.72 14.11
C GLY A 537 9.53 16.30 13.21
N LEU A 538 9.23 15.02 13.24
CA LEU A 538 8.14 14.49 12.43
C LEU A 538 6.78 15.03 12.87
N ARG A 539 6.56 15.09 14.18
CA ARG A 539 5.28 15.57 14.69
C ARG A 539 5.04 17.02 14.25
N HIS A 540 6.10 17.80 14.19
CA HIS A 540 5.97 19.19 13.77
C HIS A 540 5.53 19.23 12.30
N MET A 541 6.17 18.43 11.45
CA MET A 541 5.79 18.41 10.03
C MET A 541 4.34 17.95 9.86
N ILE A 542 3.94 16.96 10.66
CA ILE A 542 2.58 16.46 10.63
C ILE A 542 1.63 17.59 11.02
N ALA A 543 1.98 18.31 12.08
CA ALA A 543 1.18 19.43 12.57
C ALA A 543 1.00 20.49 11.48
N VAL A 544 2.11 20.87 10.85
CA VAL A 544 2.08 21.86 9.77
C VAL A 544 1.23 21.38 8.58
N ARG A 545 1.49 20.16 8.12
CA ARG A 545 0.76 19.59 6.99
C ARG A 545 -0.76 19.62 7.20
N GLN A 546 -1.21 19.15 8.35
CA GLN A 546 -2.64 19.08 8.65
C GLN A 546 -3.36 20.40 8.87
N SER A 547 -2.65 21.43 9.30
CA SER A 547 -3.29 22.72 9.57
C SER A 547 -3.12 23.74 8.45
N ASN A 548 -2.09 23.56 7.62
CA ASN A 548 -1.82 24.50 6.52
C ASN A 548 -2.41 24.03 5.19
N PRO A 549 -3.45 24.72 4.70
CA PRO A 549 -4.11 24.34 3.43
C PRO A 549 -3.24 24.39 2.17
N ARG A 550 -2.04 24.96 2.29
CA ARG A 550 -1.15 25.03 1.14
C ARG A 550 -0.67 23.64 0.73
N PHE A 551 -0.84 22.65 1.61
CA PHE A 551 -0.42 21.28 1.32
C PHE A 551 -1.56 20.43 0.76
N ASP A 552 -2.76 21.00 0.70
CA ASP A 552 -3.93 20.26 0.22
C ASP A 552 -3.81 19.77 -1.22
N GLY A 553 -4.40 18.61 -1.50
CA GLY A 553 -4.35 18.05 -2.83
C GLY A 553 -3.11 17.22 -3.10
N GLY A 554 -3.01 16.67 -4.31
CA GLY A 554 -1.85 15.86 -4.64
C GLY A 554 -1.01 16.36 -5.80
N ARG A 555 -1.29 17.57 -6.27
CA ARG A 555 -0.56 18.12 -7.40
C ARG A 555 0.66 18.95 -6.98
N LEU A 556 1.72 18.89 -7.80
CA LEU A 556 2.92 19.68 -7.53
C LEU A 556 3.59 20.08 -8.83
N VAL A 557 4.43 21.10 -8.74
CA VAL A 557 5.20 21.59 -9.88
C VAL A 557 6.62 21.65 -9.35
N THR A 558 7.54 20.95 -10.00
CA THR A 558 8.92 20.95 -9.54
C THR A 558 9.60 22.29 -9.82
N PHE A 559 10.60 22.60 -9.01
CA PHE A 559 11.35 23.85 -9.12
C PHE A 559 12.80 23.45 -9.39
N ASN A 560 13.37 23.93 -10.49
CA ASN A 560 14.76 23.61 -10.80
C ASN A 560 15.66 24.44 -9.90
N THR A 561 16.34 23.77 -8.97
CA THR A 561 17.20 24.45 -8.01
C THR A 561 18.59 24.80 -8.54
N ASN A 562 18.95 24.18 -9.67
CA ASN A 562 20.26 24.38 -10.29
C ASN A 562 21.40 23.91 -9.39
N ASN A 563 21.06 23.03 -8.46
CA ASN A 563 22.03 22.42 -7.56
C ASN A 563 21.63 20.95 -7.54
N LYS A 564 22.50 20.11 -8.10
CA LYS A 564 22.26 18.68 -8.20
C LYS A 564 21.99 17.92 -6.90
N HIS A 565 22.22 18.58 -5.76
CA HIS A 565 22.01 17.97 -4.46
C HIS A 565 20.72 18.39 -3.77
N ILE A 566 20.07 19.42 -4.30
CA ILE A 566 18.86 19.95 -3.71
C ILE A 566 17.62 19.73 -4.56
N ILE A 567 16.60 19.11 -3.96
CA ILE A 567 15.35 18.87 -4.65
C ILE A 567 14.45 20.07 -4.36
N GLY A 568 13.57 20.40 -5.30
CA GLY A 568 12.68 21.53 -5.11
C GLY A 568 11.34 21.35 -5.78
N TYR A 569 10.27 21.79 -5.11
CA TYR A 569 8.94 21.69 -5.68
C TYR A 569 7.98 22.68 -5.04
N ILE A 570 6.90 22.98 -5.73
CA ILE A 570 5.92 23.94 -5.23
C ILE A 570 4.52 23.35 -5.13
N ARG A 571 3.88 23.58 -3.99
CA ARG A 571 2.52 23.11 -3.77
C ARG A 571 1.55 24.29 -3.84
N ASN A 572 0.49 24.12 -4.62
CA ASN A 572 -0.54 25.14 -4.77
C ASN A 572 0.01 26.54 -5.02
N ASN A 573 1.17 26.63 -5.67
CA ASN A 573 1.80 27.92 -5.95
C ASN A 573 1.90 28.78 -4.70
N ALA A 574 2.03 28.15 -3.53
CA ALA A 574 2.10 28.90 -2.28
C ALA A 574 3.12 28.35 -1.30
N LEU A 575 3.59 27.13 -1.54
CA LEU A 575 4.56 26.50 -0.66
C LEU A 575 5.73 25.96 -1.48
N LEU A 576 6.91 26.52 -1.24
CA LEU A 576 8.12 26.11 -1.94
C LEU A 576 8.95 25.27 -1.00
N ALA A 577 9.13 23.99 -1.33
CA ALA A 577 9.91 23.09 -0.49
C ALA A 577 11.28 22.82 -1.08
N PHE A 578 12.30 22.86 -0.22
CA PHE A 578 13.68 22.58 -0.62
C PHE A 578 14.19 21.49 0.30
N GLY A 579 14.94 20.56 -0.28
CA GLY A 579 15.50 19.47 0.50
C GLY A 579 16.92 19.20 0.05
N ASN A 580 17.88 19.34 0.97
CA ASN A 580 19.28 19.11 0.66
C ASN A 580 19.67 17.66 0.98
N PHE A 581 19.99 16.89 -0.06
CA PHE A 581 20.36 15.49 0.14
C PHE A 581 21.86 15.27 0.28
N SER A 582 22.60 16.35 0.47
CA SER A 582 24.05 16.29 0.64
C SER A 582 24.40 16.41 2.11
N GLU A 583 25.49 15.79 2.53
CA GLU A 583 25.92 15.87 3.92
C GLU A 583 26.73 17.16 4.12
N TYR A 584 26.77 17.99 3.09
CA TYR A 584 27.49 19.25 3.14
C TYR A 584 26.53 20.40 2.83
N PRO A 585 26.86 21.62 3.26
CA PRO A 585 25.98 22.75 2.98
C PRO A 585 25.88 22.91 1.46
N GLN A 586 24.69 23.23 0.96
CA GLN A 586 24.49 23.42 -0.48
C GLN A 586 23.72 24.72 -0.69
N THR A 587 23.98 25.39 -1.79
CA THR A 587 23.34 26.67 -2.05
C THR A 587 22.43 26.77 -3.26
N VAL A 588 21.34 27.53 -3.12
CA VAL A 588 20.44 27.82 -4.21
C VAL A 588 20.77 29.30 -4.41
N THR A 589 21.25 29.66 -5.59
CA THR A 589 21.65 31.03 -5.86
C THR A 589 20.52 32.06 -5.92
N ALA A 590 20.87 33.31 -5.61
CA ALA A 590 19.90 34.39 -5.66
C ALA A 590 19.38 34.48 -7.09
N HIS A 591 20.24 34.17 -8.05
CA HIS A 591 19.86 34.20 -9.46
C HIS A 591 18.74 33.20 -9.71
N THR A 592 18.89 32.00 -9.19
CA THR A 592 17.89 30.96 -9.36
C THR A 592 16.56 31.37 -8.71
N LEU A 593 16.67 32.14 -7.62
CA LEU A 593 15.49 32.58 -6.85
C LEU A 593 14.85 33.91 -7.24
N GLN A 594 15.27 34.50 -8.35
CA GLN A 594 14.75 35.80 -8.79
C GLN A 594 13.24 35.97 -8.92
N ALA A 595 12.52 34.89 -9.27
CA ALA A 595 11.08 35.00 -9.43
C ALA A 595 10.31 34.89 -8.12
N MET A 596 11.00 34.47 -7.06
CA MET A 596 10.41 34.28 -5.75
C MET A 596 10.25 35.57 -4.94
N PRO A 597 9.40 35.55 -3.91
CA PRO A 597 9.20 36.73 -3.07
C PRO A 597 10.47 37.14 -2.34
N PHE A 598 10.62 38.44 -2.13
CA PHE A 598 11.76 39.04 -1.44
C PHE A 598 12.12 38.24 -0.19
N LYS A 599 11.10 37.93 0.61
CA LYS A 599 11.28 37.16 1.84
C LYS A 599 10.16 36.14 1.95
N ALA A 600 10.38 35.10 2.74
CA ALA A 600 9.38 34.06 2.92
C ALA A 600 9.61 33.36 4.26
N HIS A 601 8.51 32.97 4.90
CA HIS A 601 8.60 32.29 6.19
C HIS A 601 8.79 30.78 6.01
N ASP A 602 9.77 30.22 6.71
CA ASP A 602 10.06 28.80 6.66
C ASP A 602 9.32 28.11 7.81
N LEU A 603 8.37 27.25 7.47
CA LEU A 603 7.56 26.54 8.44
C LEU A 603 8.31 25.48 9.24
N ILE A 604 9.47 25.05 8.74
CA ILE A 604 10.25 24.04 9.46
C ILE A 604 11.04 24.71 10.58
N GLY A 605 11.90 25.65 10.21
CA GLY A 605 12.71 26.36 11.17
C GLY A 605 11.99 27.50 11.87
N GLY A 606 10.94 28.00 11.24
CA GLY A 606 10.18 29.09 11.84
C GLY A 606 10.80 30.47 11.67
N LYS A 607 11.85 30.55 10.87
CA LYS A 607 12.52 31.84 10.66
C LYS A 607 12.13 32.43 9.32
N THR A 608 12.41 33.72 9.14
CA THR A 608 12.12 34.40 7.89
C THR A 608 13.36 34.29 7.02
N VAL A 609 13.18 33.82 5.79
CA VAL A 609 14.30 33.64 4.88
C VAL A 609 14.28 34.66 3.75
N SER A 610 15.45 35.20 3.41
CA SER A 610 15.54 36.16 2.32
C SER A 610 15.87 35.38 1.05
N LEU A 611 15.03 35.51 0.04
CA LEU A 611 15.24 34.80 -1.21
C LEU A 611 15.85 35.70 -2.27
N ASN A 612 16.23 36.91 -1.87
CA ASN A 612 16.84 37.86 -2.80
C ASN A 612 18.36 37.75 -2.71
N GLN A 613 18.83 36.71 -2.05
CA GLN A 613 20.27 36.46 -1.90
C GLN A 613 20.48 34.95 -1.87
N ASP A 614 21.71 34.51 -2.10
CA ASP A 614 22.01 33.08 -2.08
C ASP A 614 21.42 32.41 -0.85
N LEU A 615 20.79 31.26 -1.04
CA LEU A 615 20.19 30.52 0.06
C LEU A 615 21.04 29.27 0.29
N THR A 616 21.72 29.23 1.43
CA THR A 616 22.55 28.08 1.75
C THR A 616 21.85 27.19 2.76
N LEU A 617 21.67 25.93 2.37
CA LEU A 617 21.02 24.94 3.23
C LEU A 617 22.06 24.10 3.94
N GLN A 618 21.87 23.89 5.24
CA GLN A 618 22.80 23.07 6.00
C GLN A 618 22.61 21.64 5.55
N PRO A 619 23.53 20.74 5.94
CA PRO A 619 23.41 19.33 5.54
C PRO A 619 22.03 18.74 5.86
N TYR A 620 21.40 18.15 4.84
CA TYR A 620 20.10 17.50 5.00
C TYR A 620 18.97 18.41 5.50
N GLN A 621 19.16 19.72 5.41
CA GLN A 621 18.15 20.65 5.87
C GLN A 621 16.94 20.65 4.93
N VAL A 622 15.77 20.88 5.51
CA VAL A 622 14.53 20.96 4.75
C VAL A 622 13.87 22.30 5.04
N MET A 623 13.39 22.95 3.99
CA MET A 623 12.71 24.22 4.14
C MET A 623 11.34 24.16 3.47
N TRP A 624 10.32 24.66 4.17
CA TRP A 624 8.96 24.72 3.65
C TRP A 624 8.63 26.21 3.67
N LEU A 625 8.87 26.86 2.54
CA LEU A 625 8.66 28.30 2.41
C LEU A 625 7.30 28.74 1.91
N GLU A 626 6.67 29.65 2.66
CA GLU A 626 5.38 30.17 2.24
C GLU A 626 5.66 31.32 1.29
N ILE A 627 5.43 31.09 0.00
CA ILE A 627 5.66 32.09 -1.01
C ILE A 627 4.35 32.73 -1.48
N ALA A 628 3.26 32.36 -0.83
CA ALA A 628 1.93 32.89 -1.14
C ALA A 628 0.96 32.46 -0.04
C1 GLC B . 12.79 -10.61 -20.76
C2 GLC B . 12.40 -9.45 -21.70
C3 GLC B . 12.57 -8.11 -20.99
C4 GLC B . 11.80 -8.10 -19.66
C5 GLC B . 12.25 -9.31 -18.81
C6 GLC B . 11.48 -9.41 -17.52
O1 GLC B . 14.14 -10.53 -20.44
O2 GLC B . 13.24 -9.48 -22.86
O3 GLC B . 12.09 -7.06 -21.82
O4 GLC B . 12.09 -6.88 -18.95
O5 GLC B . 12.03 -10.54 -19.55
O6 GLC B . 10.10 -9.67 -17.77
C1 GLC B . 11.13 -5.87 -19.01
C2 GLC B . 11.81 -4.53 -19.25
C3 GLC B . 12.70 -4.20 -18.05
C4 GLC B . 11.89 -4.25 -16.74
C5 GLC B . 11.11 -5.56 -16.63
C6 GLC B . 10.14 -5.57 -15.47
O2 GLC B . 12.61 -4.58 -20.42
O3 GLC B . 13.28 -2.91 -18.20
O4 GLC B . 12.79 -4.14 -15.62
O5 GLC B . 10.35 -5.81 -17.83
O6 GLC B . 9.35 -4.38 -15.47
C1 GLC B . 13.10 -2.84 -15.21
C2 GLC B . 14.43 -2.86 -14.44
C3 GLC B . 14.24 -3.66 -13.15
C4 GLC B . 13.13 -3.03 -12.32
C5 GLC B . 11.83 -2.94 -13.13
C6 GLC B . 10.77 -2.14 -12.41
O2 GLC B . 15.44 -3.46 -15.25
O3 GLC B . 15.44 -3.69 -12.39
O4 GLC B . 12.92 -3.82 -11.13
O5 GLC B . 12.07 -2.27 -14.39
O6 GLC B . 11.17 -0.78 -12.24
C1 GLC B . 13.33 -3.22 -9.93
C2 GLC B . 14.13 -4.21 -9.10
C3 GLC B . 13.24 -5.35 -8.59
C4 GLC B . 11.88 -4.86 -8.01
C5 GLC B . 11.26 -3.73 -8.86
C6 GLC B . 10.12 -3.03 -8.14
O2 GLC B . 15.19 -4.76 -9.88
O3 GLC B . 13.93 -6.06 -7.56
O4 GLC B . 10.92 -5.93 -8.01
O5 GLC B . 12.25 -2.73 -9.17
O6 GLC B . 9.18 -2.50 -9.06
C1 GLC B . 11.10 -7.02 -7.15
C2 GLC B . 10.16 -8.16 -7.63
C3 GLC B . 8.72 -7.72 -7.40
C4 GLC B . 8.55 -7.51 -5.90
C5 GLC B . 9.47 -6.37 -5.45
C6 GLC B . 9.41 -6.15 -3.95
O2 GLC B . 10.36 -8.43 -9.01
O3 GLC B . 7.83 -8.72 -7.88
O4 GLC B . 7.17 -7.23 -5.59
O5 GLC B . 10.85 -6.69 -5.78
O6 GLC B . 10.22 -5.05 -3.56
C1 GLC B . 6.44 -8.38 -5.30
C2 GLC B . 4.91 -8.12 -5.33
C3 GLC B . 4.38 -7.55 -4.01
C4 GLC B . 4.88 -8.40 -2.84
C5 GLC B . 6.41 -8.37 -2.88
C6 GLC B . 7.11 -9.05 -1.72
O2 GLC B . 4.62 -7.22 -6.39
O3 GLC B . 2.95 -7.55 -4.04
O4 GLC B . 4.40 -7.86 -1.57
O5 GLC B . 6.85 -9.02 -4.08
O6 GLC B . 8.51 -8.77 -1.76
C1 GLC B . 3.14 -8.26 -1.08
C2 GLC B . 3.12 -8.07 0.44
C3 GLC B . 4.22 -8.95 1.01
C4 GLC B . 3.86 -10.41 0.72
C5 GLC B . 3.63 -10.65 -0.78
C6 GLC B . 2.88 -11.96 -0.98
O2 GLC B . 3.35 -6.70 0.77
O3 GLC B . 4.36 -8.74 2.41
O4 GLC B . 4.91 -11.25 1.17
O5 GLC B . 2.80 -9.62 -1.38
O6 GLC B . 1.60 -11.90 -0.35
C1 GLC C . 29.93 2.45 -14.43
C2 GLC C . 28.46 2.10 -14.18
C3 GLC C . 27.86 3.06 -13.12
C4 GLC C . 28.74 3.08 -11.87
C5 GLC C . 30.20 3.34 -12.23
C6 GLC C . 31.11 3.22 -11.03
O1 GLC C . 30.04 3.74 -14.91
O2 GLC C . 27.73 2.24 -15.39
O3 GLC C . 26.56 2.64 -12.79
O4 GLC C . 28.26 4.11 -10.97
O5 GLC C . 30.67 2.38 -13.20
O6 GLC C . 31.61 4.49 -10.64
C1 GLC C . 27.59 3.65 -9.83
C2 GLC C . 26.30 4.45 -9.63
C3 GLC C . 26.62 5.88 -9.22
C4 GLC C . 27.54 5.90 -7.99
C5 GLC C . 28.78 5.04 -8.24
C6 GLC C . 29.63 4.90 -6.99
O2 GLC C . 25.56 4.48 -10.83
O3 GLC C . 25.42 6.57 -8.92
O4 GLC C . 27.94 7.25 -7.71
O5 GLC C . 28.40 3.71 -8.66
O6 GLC C . 30.84 4.21 -7.27
C1 GLC C . 27.12 7.97 -6.83
C2 GLC C . 27.28 9.46 -7.09
C3 GLC C . 28.68 9.92 -6.66
C4 GLC C . 28.91 9.54 -5.18
C5 GLC C . 28.69 8.03 -5.00
C6 GLC C . 28.82 7.57 -3.56
O2 GLC C . 27.11 9.71 -8.48
O3 GLC C . 28.81 11.32 -6.82
O4 GLC C . 30.24 9.89 -4.80
O5 GLC C . 27.37 7.66 -5.47
O6 GLC C . 27.93 8.29 -2.71
C1 GLC C . 30.42 11.20 -4.37
C2 GLC C . 31.91 11.54 -4.34
C3 GLC C . 32.59 10.80 -3.18
C4 GLC C . 31.87 11.14 -1.87
C5 GLC C . 30.40 10.74 -2.00
C6 GLC C . 29.57 11.06 -0.77
O2 GLC C . 32.52 11.17 -5.57
O3 GLC C . 33.95 11.18 -3.10
O4 GLC C . 32.47 10.44 -0.76
O5 GLC C . 29.81 11.45 -3.11
O6 GLC C . 29.53 12.47 -0.53
C1 GLC C . 32.53 11.21 0.41
C2 GLC C . 33.98 11.51 0.77
C3 GLC C . 34.68 10.22 1.21
C4 GLC C . 33.91 9.54 2.34
C5 GLC C . 32.45 9.34 1.95
C6 GLC C . 31.59 8.84 3.10
O2 GLC C . 34.64 12.06 -0.35
O3 GLC C . 36.00 10.52 1.63
O4 GLC C . 34.52 8.27 2.64
O5 GLC C . 31.86 10.60 1.51
O6 GLC C . 31.57 9.76 4.18
C1 GLC C . 35.51 8.27 3.63
C2 GLC C . 36.29 6.96 3.57
C3 GLC C . 35.42 5.79 4.03
C4 GLC C . 34.73 6.07 5.38
C5 GLC C . 34.06 7.46 5.36
C6 GLC C . 33.57 7.87 6.74
O2 GLC C . 36.75 6.73 2.24
O3 GLC C . 36.23 4.63 4.15
O4 GLC C . 33.71 5.07 5.60
O5 GLC C . 34.99 8.47 4.93
O6 GLC C . 34.66 7.97 7.64
C1 GLC C . 34.01 4.03 6.50
C2 GLC C . 33.17 2.79 6.17
C3 GLC C . 31.69 3.05 6.49
C4 GLC C . 31.56 3.46 7.96
C5 GLC C . 32.44 4.69 8.25
C6 GLC C . 32.44 5.07 9.72
O2 GLC C . 33.32 2.43 4.80
O3 GLC C . 30.91 1.89 6.24
O4 GLC C . 30.20 3.76 8.24
O5 GLC C . 33.82 4.42 7.87
O6 GLC C . 32.53 6.48 9.89
C1 GLC D . 16.65 32.11 -14.75
C2 GLC D . 17.18 30.76 -14.26
C3 GLC D . 16.04 29.83 -13.83
C4 GLC D . 15.04 30.54 -12.90
C5 GLC D . 14.63 31.89 -13.48
C6 GLC D . 13.75 32.70 -12.54
O1 GLC D . 15.93 31.96 -15.92
O2 GLC D . 17.91 30.12 -15.31
O3 GLC D . 16.58 28.71 -13.16
O4 GLC D . 13.88 29.70 -12.76
O5 GLC D . 15.80 32.70 -13.76
O6 GLC D . 12.94 33.63 -13.25
C1 GLC D . 13.51 29.33 -11.45
C2 GLC D . 13.44 27.79 -11.34
C3 GLC D . 12.27 27.26 -12.18
C4 GLC D . 10.96 27.94 -11.75
C5 GLC D . 11.12 29.47 -11.85
C6 GLC D . 9.91 30.22 -11.34
O2 GLC D . 14.66 27.23 -11.80
O3 GLC D . 12.15 25.85 -12.03
O4 GLC D . 9.90 27.50 -12.63
O5 GLC D . 12.26 29.90 -11.06
O6 GLC D . 9.42 29.67 -10.13
C1 GLC D . 9.11 26.43 -12.15
C2 GLC D . 8.86 25.43 -13.28
C3 GLC D . 8.14 26.13 -14.44
C4 GLC D . 6.93 26.98 -14.00
C5 GLC D . 7.09 27.67 -12.62
C6 GLC D . 5.75 27.96 -11.96
O2 GLC D . 10.10 24.90 -13.72
O3 GLC D . 7.72 25.16 -15.37
O4 GLC D . 6.76 28.03 -14.97
O5 GLC D . 7.85 26.87 -11.68
O6 GLC D . 5.69 27.42 -10.64
C2 BGC D . 6.33 28.10 -17.33
C3 BGC D . 5.20 28.17 -18.35
C4 BGC D . 4.25 26.98 -18.20
C5 BGC D . 3.79 26.82 -16.74
C6 BGC D . 3.01 25.54 -16.50
C1 BGC D . 5.74 27.97 -15.93
O2 BGC D . 7.14 29.27 -17.40
O3 BGC D . 5.73 28.20 -19.67
O4 BGC D . 3.13 27.15 -19.05
O5 BGC D . 4.93 26.80 -15.84
O6 BGC D . 2.18 25.22 -17.61
S1 DTT E . 25.49 -9.27 -0.87
C1 DTT E . 25.64 -9.33 -2.72
C2 DTT E . 25.00 -8.14 -3.44
O2 DTT E . 25.33 -7.37 -2.87
C3 DTT E . 23.41 -8.00 -3.35
O3 DTT E . 22.70 -9.12 -3.87
C4 DTT E . 22.87 -7.86 -1.92
S4 DTT E . 21.19 -7.14 -1.91
#